data_3RH9
#
_entry.id   3RH9
#
_cell.length_a   67.483
_cell.length_b   102.477
_cell.length_c   144.498
_cell.angle_alpha   90.00
_cell.angle_beta   90.00
_cell.angle_gamma   90.00
#
_symmetry.space_group_name_H-M   'P 21 21 21'
#
loop_
_entity.id
_entity.type
_entity.pdbx_description
1 polymer 'Succinate-semialdehyde dehydrogenase (NAD(P)(+))'
2 water water
#
_entity_poly.entity_id   1
_entity_poly.type   'polypeptide(L)'
_entity_poly.pdbx_seq_one_letter_code
;(MSE)V(MSE)IESPLLENLTGYIGGRWKDSAGGATFDVYNPATGSVIAKVPS(MSE)PEEDVVAAVEAGQSALRLTNPW
PIETRRKWLEDIRDGLKENREEIGRILC(MSE)EHGKPWKEAQGEVDYAAGFFDYCAKHISALDSHTIPEKPKDCTWTVH
YRPVGVTGLIVPWNFPIG(MSE)IAKKLSAALAAGCPSVIKPASETPLT(MSE)IAFFSV(MSE)DKLDLPDG(MSE)VN
LV(MSE)GKASVIGKVLCEHKDVP(MSE)LSFTGSTEVGRKLIVDTAEQVKKLALELGGNAPFIVFDDADLEAAADNLIA
NKFRGGGQTCVCANRIFVHEKVADAFGQKLAERVNK(MSE)TVGDG(MSE)NDGIDIGPLINKQGFDKVKRHLQDALDKG
ASLVAGKQPAELGDGLFFPPTVVQGVDRE(MSE)CCYQEETFGPLVP(MSE)ALFRTEEEVIDAGNDTEFGLASYVFTAD
AERAQRVAAGLRFGHVGWNTGTGPTPEAPFGG(MSE)KASGIGREGGLEGLFEFVEAQTVPRGFAENLYFQSHHHHHHWS
HPQFEK
;
_entity_poly.pdbx_strand_id   A,B
#
# COMPACT_ATOMS: atom_id res chain seq x y z
N ILE A 4 -3.83 28.82 28.93
CA ILE A 4 -2.43 28.76 28.49
C ILE A 4 -2.02 29.97 27.62
N GLU A 5 -0.86 30.55 27.92
CA GLU A 5 -0.36 31.68 27.16
C GLU A 5 1.05 31.38 26.69
N SER A 6 1.30 31.68 25.43
CA SER A 6 2.59 31.40 24.82
C SER A 6 2.73 32.19 23.51
N PRO A 7 3.95 32.63 23.22
CA PRO A 7 4.20 33.28 21.94
C PRO A 7 3.94 32.34 20.76
N LEU A 8 4.22 31.05 20.91
CA LEU A 8 3.95 30.08 19.87
C LEU A 8 2.44 29.87 19.65
N LEU A 9 1.62 30.39 20.55
CA LEU A 9 0.17 30.21 20.48
C LEU A 9 -0.60 31.52 20.35
N GLU A 10 0.02 32.54 19.75
CA GLU A 10 -0.65 33.82 19.51
C GLU A 10 -1.73 33.72 18.45
N ASN A 11 -1.72 32.61 17.71
CA ASN A 11 -2.77 32.35 16.76
C ASN A 11 -3.41 31.02 17.06
N LEU A 12 -4.60 31.09 17.63
CA LEU A 12 -5.32 29.91 18.05
C LEU A 12 -6.43 29.69 17.04
N THR A 13 -6.06 29.16 15.89
CA THR A 13 -6.99 29.02 14.79
C THR A 13 -6.29 28.17 13.74
N GLY A 14 -6.99 27.93 12.63
CA GLY A 14 -6.43 27.10 11.58
C GLY A 14 -5.35 27.80 10.79
N TYR A 15 -4.85 27.11 9.78
CA TYR A 15 -3.79 27.67 8.95
C TYR A 15 -4.01 27.22 7.53
N ILE A 16 -4.56 28.12 6.72
CA ILE A 16 -4.88 27.80 5.34
C ILE A 16 -4.18 28.77 4.40
N GLY A 17 -3.40 28.21 3.49
CA GLY A 17 -2.81 28.97 2.40
C GLY A 17 -1.92 30.11 2.84
N GLY A 18 -1.28 29.95 3.99
CA GLY A 18 -0.32 30.92 4.48
C GLY A 18 -0.92 31.76 5.60
N ARG A 19 -2.24 31.73 5.71
CA ARG A 19 -2.95 32.58 6.63
C ARG A 19 -3.44 31.81 7.83
N TRP A 20 -3.40 32.47 8.98
CA TRP A 20 -4.11 31.99 10.16
C TRP A 20 -5.57 32.42 10.02
N LYS A 21 -6.46 31.48 9.71
CA LYS A 21 -7.88 31.83 9.64
C LYS A 21 -8.81 30.65 9.96
N ASP A 22 -10.10 30.94 9.97
CA ASP A 22 -11.12 29.92 10.21
C ASP A 22 -12.50 30.53 10.02
N SER A 23 -13.53 29.69 9.91
CA SER A 23 -14.90 30.17 9.75
C SER A 23 -15.77 29.65 10.85
N ALA A 24 -15.16 29.36 12.00
CA ALA A 24 -15.88 28.65 13.04
C ALA A 24 -17.02 29.51 13.58
N GLY A 25 -16.92 30.81 13.36
CA GLY A 25 -17.94 31.74 13.78
C GLY A 25 -18.11 31.72 15.28
N GLY A 26 -17.04 31.39 15.98
CA GLY A 26 -17.06 31.32 17.42
C GLY A 26 -17.16 29.90 17.97
N ALA A 27 -17.56 28.96 17.13
CA ALA A 27 -17.64 27.56 17.54
C ALA A 27 -16.34 27.10 18.20
N THR A 28 -16.41 26.63 19.43
CA THR A 28 -15.20 26.23 20.13
C THR A 28 -15.22 24.79 20.63
N PHE A 29 -14.05 24.23 20.90
CA PHE A 29 -13.94 22.97 21.65
C PHE A 29 -12.89 23.15 22.73
N ASP A 30 -13.05 22.43 23.84
CA ASP A 30 -12.15 22.61 24.97
C ASP A 30 -10.95 21.68 24.94
N VAL A 31 -9.81 22.20 25.36
CA VAL A 31 -8.66 21.35 25.65
C VAL A 31 -8.45 21.36 27.16
N TYR A 32 -8.19 20.19 27.73
CA TYR A 32 -7.97 20.09 29.17
C TYR A 32 -6.53 19.77 29.49
N ASN A 33 -6.06 20.21 30.65
CA ASN A 33 -4.81 19.69 31.16
C ASN A 33 -5.12 18.43 31.98
N PRO A 34 -4.61 17.27 31.56
CA PRO A 34 -5.04 16.05 32.25
C PRO A 34 -4.60 16.01 33.70
N ALA A 35 -3.74 16.95 34.09
CA ALA A 35 -3.17 16.96 35.43
C ALA A 35 -4.05 17.71 36.40
N THR A 36 -4.86 18.63 35.90
CA THR A 36 -5.60 19.52 36.78
C THR A 36 -7.11 19.45 36.59
N GLY A 37 -7.53 18.86 35.48
CA GLY A 37 -8.94 18.83 35.15
C GLY A 37 -9.45 20.15 34.62
N SER A 38 -8.57 21.15 34.50
CA SER A 38 -8.97 22.47 33.99
C SER A 38 -8.85 22.61 32.47
N VAL A 39 -9.70 23.45 31.91
CA VAL A 39 -9.62 23.84 30.51
C VAL A 39 -8.47 24.82 30.30
N ILE A 40 -7.59 24.55 29.34
CA ILE A 40 -6.42 25.40 29.15
C ILE A 40 -6.48 26.18 27.84
N ALA A 41 -7.47 25.86 27.02
CA ALA A 41 -7.61 26.55 25.75
C ALA A 41 -8.95 26.25 25.12
N LYS A 42 -9.45 27.20 24.33
CA LYS A 42 -10.64 26.99 23.52
C LYS A 42 -10.32 27.18 22.04
N VAL A 43 -10.32 26.07 21.31
CA VAL A 43 -9.96 26.08 19.90
C VAL A 43 -11.17 26.06 18.98
N PRO A 44 -11.11 26.84 17.89
CA PRO A 44 -12.14 26.91 16.85
C PRO A 44 -12.48 25.55 16.24
N SER A 45 -13.78 25.28 16.15
CA SER A 45 -14.28 24.05 15.59
C SER A 45 -14.61 24.29 14.12
N PRO A 47 -15.46 24.30 10.19
CA PRO A 47 -16.52 23.70 9.37
C PRO A 47 -15.99 23.01 8.12
N GLU A 48 -16.88 22.37 7.41
CA GLU A 48 -16.57 21.79 6.10
C GLU A 48 -15.78 22.76 5.21
N GLU A 49 -16.39 23.88 4.81
CA GLU A 49 -15.74 24.85 3.91
C GLU A 49 -14.29 25.22 4.24
N ASP A 50 -13.94 25.29 5.51
CA ASP A 50 -12.55 25.52 5.90
C ASP A 50 -11.66 24.36 5.47
N VAL A 51 -12.16 23.14 5.63
CA VAL A 51 -11.38 21.96 5.27
C VAL A 51 -11.25 21.88 3.74
N VAL A 52 -12.28 22.28 3.01
CA VAL A 52 -12.22 22.35 1.55
C VAL A 52 -11.27 23.45 1.07
N ALA A 53 -11.24 24.56 1.79
CA ALA A 53 -10.27 25.63 1.50
C ALA A 53 -8.84 25.11 1.68
N ALA A 54 -8.61 24.44 2.81
CA ALA A 54 -7.32 23.81 3.08
C ALA A 54 -6.83 23.04 1.85
N VAL A 55 -7.72 22.23 1.28
CA VAL A 55 -7.38 21.40 0.13
C VAL A 55 -7.12 22.26 -1.11
N GLU A 56 -7.99 23.23 -1.36
CA GLU A 56 -7.79 24.10 -2.52
C GLU A 56 -6.43 24.78 -2.44
N ALA A 57 -6.02 25.16 -1.23
CA ALA A 57 -4.74 25.82 -1.04
C ALA A 57 -3.64 24.87 -1.40
N GLY A 58 -3.73 23.67 -0.85
CA GLY A 58 -2.74 22.64 -1.09
C GLY A 58 -2.63 22.33 -2.56
N GLN A 59 -3.78 22.26 -3.21
CA GLN A 59 -3.83 21.88 -4.63
C GLN A 59 -3.13 22.95 -5.42
N SER A 60 -3.17 24.15 -4.89
CA SER A 60 -2.65 25.33 -5.58
C SER A 60 -1.14 25.40 -5.38
N ALA A 61 -0.65 24.68 -4.38
CA ALA A 61 0.79 24.58 -4.14
C ALA A 61 1.40 23.39 -4.87
N LEU A 62 0.55 22.48 -5.35
CA LEU A 62 1.02 21.27 -6.02
C LEU A 62 1.61 21.62 -7.37
N ARG A 63 2.89 21.34 -7.56
CA ARG A 63 3.47 21.69 -8.84
C ARG A 63 4.01 20.47 -9.56
N LEU A 64 3.16 19.91 -10.43
CA LEU A 64 3.51 18.67 -11.11
C LEU A 64 4.49 18.98 -12.20
N THR A 65 4.07 19.86 -13.09
CA THR A 65 4.83 20.15 -14.30
C THR A 65 6.09 21.02 -14.09
N ASN A 66 6.06 21.90 -13.09
CA ASN A 66 7.23 22.71 -12.69
C ASN A 66 7.58 22.52 -11.20
N PRO A 67 8.08 21.32 -10.85
CA PRO A 67 8.28 20.94 -9.43
C PRO A 67 9.20 21.89 -8.66
N TRP A 68 9.01 21.95 -7.35
CA TRP A 68 9.92 22.66 -6.45
C TRP A 68 11.24 21.92 -6.44
N PRO A 69 12.34 22.62 -6.75
CA PRO A 69 13.61 21.91 -6.97
C PRO A 69 14.06 21.19 -5.71
N ILE A 70 14.72 20.03 -5.87
CA ILE A 70 15.10 19.19 -4.74
C ILE A 70 15.90 19.91 -3.65
N GLU A 71 16.68 20.93 -4.02
CA GLU A 71 17.41 21.74 -3.04
C GLU A 71 16.50 22.68 -2.27
N THR A 72 15.45 23.15 -2.93
CA THR A 72 14.48 23.98 -2.24
C THR A 72 13.82 23.16 -1.14
N ARG A 73 13.31 21.98 -1.50
CA ARG A 73 12.65 21.10 -0.55
C ARG A 73 13.60 20.71 0.59
N ARG A 74 14.85 20.47 0.22
CA ARG A 74 15.90 20.13 1.19
C ARG A 74 16.07 21.23 2.25
N LYS A 75 15.98 22.49 1.83
CA LYS A 75 16.11 23.63 2.71
C LYS A 75 14.93 23.72 3.70
N TRP A 76 13.71 23.44 3.22
CA TRP A 76 12.53 23.40 4.10
C TRP A 76 12.74 22.43 5.25
N LEU A 77 13.05 21.18 4.91
CA LEU A 77 13.27 20.13 5.89
C LEU A 77 14.32 20.60 6.89
N GLU A 78 15.43 21.11 6.36
CA GLU A 78 16.54 21.55 7.21
C GLU A 78 16.12 22.67 8.16
N ASP A 79 15.41 23.66 7.62
CA ASP A 79 14.86 24.73 8.42
C ASP A 79 13.88 24.21 9.49
N ILE A 80 12.95 23.36 9.10
CA ILE A 80 12.01 22.78 10.06
C ILE A 80 12.75 22.00 11.15
N ARG A 81 13.71 21.17 10.75
CA ARG A 81 14.47 20.40 11.72
C ARG A 81 15.17 21.31 12.73
N ASP A 82 15.64 22.46 12.26
CA ASP A 82 16.29 23.45 13.11
C ASP A 82 15.27 24.20 13.94
N GLY A 83 14.14 24.55 13.34
CA GLY A 83 13.06 25.20 14.05
C GLY A 83 12.57 24.37 15.24
N LEU A 84 12.35 23.09 15.04
CA LEU A 84 11.94 22.25 16.16
C LEU A 84 12.99 22.35 17.28
N LYS A 85 14.24 22.08 16.95
CA LYS A 85 15.27 21.98 17.97
C LYS A 85 15.36 23.26 18.79
N GLU A 86 15.16 24.40 18.13
CA GLU A 86 15.23 25.70 18.76
C GLU A 86 14.08 25.96 19.71
N ASN A 87 12.88 25.56 19.33
CA ASN A 87 11.71 25.82 20.14
C ASN A 87 11.33 24.58 20.90
N ARG A 88 12.37 23.83 21.27
CA ARG A 88 12.22 22.51 21.86
C ARG A 88 11.68 22.55 23.30
N GLU A 89 11.90 23.65 24.00
CA GLU A 89 11.47 23.69 25.38
C GLU A 89 10.06 24.25 25.54
N GLU A 90 9.68 25.18 24.66
CA GLU A 90 8.34 25.77 24.73
C GLU A 90 7.27 24.89 24.10
N ILE A 91 7.68 24.09 23.11
CA ILE A 91 6.78 23.11 22.52
C ILE A 91 6.61 21.96 23.50
N GLY A 92 7.73 21.53 24.06
CA GLY A 92 7.72 20.62 25.19
C GLY A 92 6.77 21.05 26.30
N ARG A 93 6.67 22.36 26.54
CA ARG A 93 5.80 22.86 27.60
C ARG A 93 4.35 22.63 27.24
N ILE A 94 3.96 23.16 26.08
CA ILE A 94 2.61 22.98 25.57
C ILE A 94 2.24 21.50 25.43
N LEU A 95 3.20 20.68 25.05
CA LEU A 95 2.95 19.28 24.89
C LEU A 95 2.58 18.70 26.26
N CYS A 96 3.44 18.99 27.22
CA CYS A 96 3.27 18.50 28.57
C CYS A 96 1.88 18.79 29.12
N GLU A 98 -1.02 19.59 27.69
CA GLU A 98 -2.22 19.07 27.04
C GLU A 98 -2.28 17.54 27.01
N HIS A 99 -1.11 16.91 27.00
CA HIS A 99 -1.00 15.45 27.00
C HIS A 99 -0.90 14.87 28.41
N GLY A 100 -0.03 15.44 29.24
CA GLY A 100 0.15 14.96 30.59
C GLY A 100 1.58 14.48 30.79
N LYS A 101 2.17 14.02 29.71
CA LYS A 101 3.57 13.62 29.68
C LYS A 101 4.48 14.64 30.40
N PRO A 102 5.50 14.17 31.12
CA PRO A 102 6.41 15.08 31.83
C PRO A 102 7.22 15.97 30.88
N TRP A 103 7.47 17.20 31.32
CA TRP A 103 8.13 18.22 30.49
C TRP A 103 9.39 17.71 29.78
N LYS A 104 10.31 17.16 30.55
CA LYS A 104 11.46 16.44 29.99
C LYS A 104 11.09 15.52 28.83
N GLU A 105 10.37 14.44 29.12
CA GLU A 105 9.92 13.54 28.07
C GLU A 105 9.39 14.34 26.88
N ALA A 106 8.57 15.34 27.15
CA ALA A 106 7.99 16.13 26.07
C ALA A 106 9.11 16.72 25.21
N GLN A 107 10.09 17.33 25.84
CA GLN A 107 11.16 17.99 25.11
C GLN A 107 11.89 17.00 24.26
N GLY A 108 12.16 15.84 24.83
CA GLY A 108 12.81 14.77 24.10
C GLY A 108 12.03 14.36 22.86
N GLU A 109 10.70 14.48 22.91
CA GLU A 109 9.85 14.11 21.78
C GLU A 109 10.06 15.08 20.65
N VAL A 110 10.29 16.34 21.01
CA VAL A 110 10.61 17.36 20.03
C VAL A 110 11.94 17.03 19.38
N ASP A 111 12.88 16.52 20.16
CA ASP A 111 14.18 16.11 19.61
C ASP A 111 13.99 15.00 18.60
N TYR A 112 13.24 14.00 19.04
CA TYR A 112 12.89 12.86 18.23
C TYR A 112 12.24 13.25 16.90
N ALA A 113 11.28 14.17 16.96
CA ALA A 113 10.61 14.70 15.78
C ALA A 113 11.59 15.36 14.81
N ALA A 114 12.59 16.03 15.36
CA ALA A 114 13.54 16.78 14.56
C ALA A 114 14.36 15.86 13.68
N GLY A 115 14.57 14.63 14.13
CA GLY A 115 15.46 13.69 13.47
C GLY A 115 14.85 13.07 12.22
N PHE A 116 13.54 13.21 12.09
CA PHE A 116 12.86 12.73 10.90
C PHE A 116 13.13 13.70 9.78
N PHE A 117 13.03 14.97 10.12
CA PHE A 117 13.31 16.02 9.17
C PHE A 117 14.78 16.00 8.78
N ASP A 118 15.64 15.75 9.74
CA ASP A 118 17.05 15.65 9.44
C ASP A 118 17.27 14.50 8.49
N TYR A 119 16.65 13.37 8.79
CA TYR A 119 16.94 12.18 8.04
C TYR A 119 16.43 12.34 6.61
N CYS A 120 15.30 13.00 6.46
CA CYS A 120 14.73 13.23 5.13
C CYS A 120 15.51 14.24 4.31
N ALA A 121 16.13 15.20 4.96
CA ALA A 121 17.00 16.13 4.25
C ALA A 121 18.24 15.38 3.73
N LYS A 122 18.85 14.57 4.59
CA LYS A 122 20.01 13.82 4.14
C LYS A 122 19.69 12.86 3.03
N HIS A 123 18.50 12.28 3.03
CA HIS A 123 18.20 11.21 2.06
C HIS A 123 17.20 11.56 0.96
N ILE A 124 16.80 12.81 0.88
CA ILE A 124 15.86 13.25 -0.13
C ILE A 124 16.28 12.81 -1.55
N SER A 125 17.58 12.61 -1.76
CA SER A 125 18.07 12.27 -3.09
C SER A 125 17.59 10.90 -3.55
N ALA A 126 17.10 10.13 -2.59
CA ALA A 126 16.55 8.81 -2.86
C ALA A 126 15.39 8.83 -3.87
N LEU A 127 14.70 9.96 -3.98
CA LEU A 127 13.52 10.08 -4.85
C LEU A 127 13.86 10.58 -6.25
N ASP A 128 15.15 10.63 -6.56
CA ASP A 128 15.60 11.04 -7.89
C ASP A 128 15.12 10.05 -8.93
N SER A 129 14.63 10.54 -10.06
CA SER A 129 14.29 9.61 -11.14
C SER A 129 15.55 8.82 -11.57
N HIS A 130 15.35 7.65 -12.14
CA HIS A 130 16.47 6.86 -12.59
C HIS A 130 16.17 6.06 -13.86
N THR A 131 17.19 5.92 -14.69
CA THR A 131 17.05 5.17 -15.92
C THR A 131 17.60 3.79 -15.75
N ILE A 132 16.81 2.79 -16.06
CA ILE A 132 17.27 1.42 -15.88
C ILE A 132 18.26 1.06 -16.99
N PRO A 133 19.13 0.07 -16.74
CA PRO A 133 20.18 -0.33 -17.69
C PRO A 133 19.63 -1.16 -18.86
N GLU A 134 18.53 -1.87 -18.64
CA GLU A 134 17.89 -2.65 -19.70
C GLU A 134 17.21 -1.74 -20.74
N LYS A 135 17.18 -2.17 -22.00
CA LYS A 135 16.42 -1.43 -23.01
C LYS A 135 15.50 -2.29 -23.86
N PRO A 136 14.52 -2.94 -23.22
CA PRO A 136 13.53 -3.73 -23.94
C PRO A 136 12.76 -2.89 -24.94
N LYS A 137 12.25 -3.55 -25.98
CA LYS A 137 11.41 -2.91 -26.97
C LYS A 137 12.00 -1.59 -27.48
N ASP A 138 13.31 -1.57 -27.70
CA ASP A 138 13.91 -0.45 -28.42
C ASP A 138 13.79 0.90 -27.73
N CYS A 139 13.43 0.90 -26.45
CA CYS A 139 13.23 2.14 -25.68
C CYS A 139 14.23 2.34 -24.55
N THR A 140 14.42 3.59 -24.16
CA THR A 140 15.18 3.93 -22.95
C THR A 140 14.17 4.16 -21.86
N TRP A 141 14.31 3.48 -20.71
CA TRP A 141 13.26 3.49 -19.71
C TRP A 141 13.58 4.29 -18.47
N THR A 142 12.78 5.30 -18.18
CA THR A 142 13.03 6.09 -17.01
C THR A 142 11.91 5.97 -15.99
N VAL A 143 12.28 5.85 -14.73
CA VAL A 143 11.33 5.77 -13.65
C VAL A 143 11.35 7.03 -12.80
N HIS A 144 10.21 7.71 -12.71
CA HIS A 144 10.10 8.93 -11.92
C HIS A 144 9.26 8.68 -10.68
N TYR A 145 9.50 9.46 -9.64
CA TYR A 145 8.66 9.39 -8.46
C TYR A 145 7.94 10.74 -8.29
N ARG A 146 6.72 10.85 -8.81
CA ARG A 146 5.94 12.08 -8.73
C ARG A 146 5.24 12.21 -7.38
N PRO A 147 4.95 13.45 -6.97
CA PRO A 147 4.15 13.66 -5.76
C PRO A 147 2.79 12.99 -5.92
N VAL A 148 2.28 12.26 -4.92
CA VAL A 148 0.95 11.67 -5.08
C VAL A 148 -0.08 12.77 -5.27
N GLY A 149 0.19 13.93 -4.72
CA GLY A 149 -0.77 15.01 -4.80
C GLY A 149 -0.96 15.49 -3.40
N VAL A 150 -2.04 16.22 -3.17
CA VAL A 150 -2.35 16.75 -1.85
C VAL A 150 -2.73 15.63 -0.87
N THR A 151 -2.03 15.54 0.26
CA THR A 151 -2.33 14.50 1.22
C THR A 151 -2.98 15.02 2.49
N GLY A 152 -3.75 14.16 3.13
CA GLY A 152 -4.29 14.47 4.43
C GLY A 152 -3.50 13.73 5.48
N LEU A 153 -2.89 14.47 6.39
CA LEU A 153 -2.12 13.89 7.47
C LEU A 153 -2.93 13.90 8.78
N ILE A 154 -3.30 12.71 9.27
CA ILE A 154 -4.15 12.60 10.46
C ILE A 154 -3.43 11.88 11.60
N VAL A 155 -3.30 12.57 12.73
CA VAL A 155 -2.49 12.05 13.84
C VAL A 155 -3.27 11.98 15.15
N PRO A 156 -2.85 11.10 16.08
CA PRO A 156 -3.54 10.91 17.35
C PRO A 156 -2.93 11.81 18.40
N TRP A 157 -3.37 11.65 19.64
CA TRP A 157 -2.79 12.44 20.72
C TRP A 157 -1.55 11.78 21.32
N ASN A 158 -1.26 10.51 21.01
CA ASN A 158 -0.18 9.80 21.69
C ASN A 158 1.17 10.49 21.50
N PHE A 159 1.40 11.02 20.30
CA PHE A 159 2.61 11.79 20.06
C PHE A 159 2.27 13.06 19.31
N PRO A 160 1.87 14.10 20.06
CA PRO A 160 1.39 15.34 19.46
C PRO A 160 2.41 15.98 18.50
N ILE A 161 3.70 15.76 18.71
CA ILE A 161 4.70 16.23 17.75
C ILE A 161 5.45 15.13 17.01
N GLY A 162 5.63 13.98 17.63
CA GLY A 162 6.36 12.89 16.99
C GLY A 162 5.67 12.32 15.76
N ILE A 164 3.22 13.55 13.66
CA ILE A 164 3.18 14.43 12.52
C ILE A 164 4.56 14.55 11.85
N ALA A 165 5.62 14.47 12.65
CA ALA A 165 6.98 14.64 12.13
C ALA A 165 7.36 13.54 11.15
N LYS A 166 6.91 12.31 11.45
CA LYS A 166 7.14 11.18 10.58
C LYS A 166 6.46 11.39 9.24
N LYS A 167 5.26 11.94 9.26
CA LYS A 167 4.48 12.03 8.04
C LYS A 167 4.91 13.21 7.19
N LEU A 168 5.21 14.34 7.83
CA LEU A 168 5.41 15.58 7.11
C LEU A 168 6.81 15.67 6.50
N SER A 169 7.79 15.13 7.20
CA SER A 169 9.14 15.02 6.66
C SER A 169 9.17 14.24 5.34
N ALA A 170 8.39 13.15 5.26
CA ALA A 170 8.34 12.36 4.02
C ALA A 170 7.50 13.06 2.94
N ALA A 171 6.40 13.66 3.34
CA ALA A 171 5.54 14.35 2.40
C ALA A 171 6.20 15.60 1.75
N LEU A 172 6.99 16.35 2.51
CA LEU A 172 7.73 17.47 1.93
C LEU A 172 8.82 16.96 1.00
N ALA A 173 9.61 16.01 1.47
CA ALA A 173 10.65 15.44 0.62
C ALA A 173 10.07 15.06 -0.75
N ALA A 174 8.77 14.70 -0.76
CA ALA A 174 8.07 14.24 -1.96
C ALA A 174 7.49 15.40 -2.79
N GLY A 175 7.39 16.57 -2.19
CA GLY A 175 6.76 17.70 -2.84
C GLY A 175 5.25 17.67 -2.69
N CYS A 176 4.76 16.99 -1.65
CA CYS A 176 3.32 16.86 -1.42
C CYS A 176 2.78 17.91 -0.49
N PRO A 177 1.96 18.82 -1.01
CA PRO A 177 1.24 19.74 -0.10
C PRO A 177 0.32 18.92 0.79
N SER A 178 0.16 19.34 2.03
CA SER A 178 -0.60 18.54 2.97
C SER A 178 -1.64 19.35 3.74
N VAL A 179 -2.69 18.66 4.14
CA VAL A 179 -3.71 19.22 5.00
C VAL A 179 -3.62 18.44 6.30
N ILE A 180 -3.44 19.14 7.43
CA ILE A 180 -3.08 18.46 8.68
C ILE A 180 -4.14 18.50 9.78
N LYS A 181 -4.47 17.32 10.33
CA LYS A 181 -5.51 17.22 11.34
C LYS A 181 -5.06 16.51 12.62
N PRO A 182 -4.84 17.28 13.71
CA PRO A 182 -4.43 16.67 14.98
C PRO A 182 -5.63 16.24 15.81
N ALA A 183 -5.36 15.45 16.85
CA ALA A 183 -6.41 15.03 17.78
C ALA A 183 -6.91 16.25 18.55
N SER A 184 -8.21 16.32 18.84
CA SER A 184 -8.74 17.46 19.59
C SER A 184 -8.24 17.49 21.04
N GLU A 185 -7.66 16.39 21.51
CA GLU A 185 -7.05 16.33 22.84
C GLU A 185 -5.71 17.04 22.86
N THR A 186 -5.07 17.16 21.70
CA THR A 186 -3.74 17.76 21.62
C THR A 186 -3.51 18.62 20.38
N PRO A 187 -4.32 19.68 20.22
CA PRO A 187 -4.19 20.56 19.06
C PRO A 187 -3.10 21.62 19.25
N LEU A 188 -2.74 21.91 20.49
CA LEU A 188 -1.90 23.06 20.77
C LEU A 188 -0.45 22.84 20.36
N THR A 189 -0.01 21.58 20.41
CA THR A 189 1.35 21.30 20.02
C THR A 189 1.38 21.55 18.53
N ILE A 191 -0.57 23.63 16.81
CA ILE A 191 -0.59 25.06 16.57
C ILE A 191 0.81 25.64 16.74
N ALA A 192 1.50 25.22 17.79
CA ALA A 192 2.86 25.68 18.06
C ALA A 192 3.81 25.36 16.91
N PHE A 193 3.73 24.12 16.44
CA PHE A 193 4.47 23.68 15.27
C PHE A 193 4.20 24.58 14.05
N PHE A 194 2.92 24.86 13.77
CA PHE A 194 2.59 25.71 12.64
C PHE A 194 3.09 27.12 12.86
N SER A 195 3.02 27.59 14.09
CA SER A 195 3.58 28.90 14.40
C SER A 195 5.07 28.92 14.06
N VAL A 196 5.80 27.86 14.43
CA VAL A 196 7.22 27.78 14.10
C VAL A 196 7.49 27.71 12.59
N ASP A 198 5.56 28.85 10.24
CA ASP A 198 4.98 30.01 9.62
C ASP A 198 6.05 31.05 9.36
N LYS A 199 7.19 30.89 10.02
CA LYS A 199 8.27 31.86 9.92
C LYS A 199 9.46 31.28 9.18
N LEU A 200 9.19 30.41 8.23
CA LEU A 200 10.25 29.70 7.53
C LEU A 200 10.14 29.84 6.01
N ASP A 201 9.25 30.71 5.55
CA ASP A 201 9.14 30.96 4.12
C ASP A 201 8.81 29.71 3.30
N LEU A 202 7.92 28.87 3.81
CA LEU A 202 7.38 27.78 3.03
C LEU A 202 6.43 28.40 2.01
N PRO A 203 6.26 27.74 0.85
CA PRO A 203 5.25 28.17 -0.13
C PRO A 203 3.82 28.20 0.44
N ASP A 204 3.07 29.22 0.10
CA ASP A 204 1.67 29.29 0.52
C ASP A 204 0.90 28.05 0.05
N GLY A 205 0.42 27.26 0.99
CA GLY A 205 -0.32 26.05 0.67
C GLY A 205 0.43 24.74 0.91
N VAL A 207 1.72 23.55 3.70
CA VAL A 207 1.18 22.98 4.93
C VAL A 207 -0.09 23.73 5.30
N ASN A 208 -1.04 23.00 5.85
CA ASN A 208 -2.34 23.54 6.23
C ASN A 208 -2.87 22.80 7.45
N LEU A 209 -3.49 23.54 8.36
CA LEU A 209 -3.96 23.00 9.63
C LEU A 209 -5.48 23.14 9.75
N VAL A 210 -6.15 22.02 9.99
CA VAL A 210 -7.57 22.03 10.25
C VAL A 210 -7.84 21.34 11.59
N GLY A 212 -11.13 20.44 14.71
CA GLY A 212 -12.52 20.41 15.08
C GLY A 212 -13.07 18.99 15.06
N LYS A 213 -14.34 18.88 14.72
CA LYS A 213 -15.08 17.62 14.83
C LYS A 213 -14.54 16.60 13.83
N ALA A 214 -14.24 15.41 14.30
CA ALA A 214 -13.67 14.35 13.45
C ALA A 214 -14.53 14.00 12.24
N SER A 215 -15.80 13.72 12.47
CA SER A 215 -16.76 13.55 11.36
C SER A 215 -16.55 14.57 10.24
N VAL A 216 -16.58 15.85 10.60
CA VAL A 216 -16.55 16.93 9.61
C VAL A 216 -15.27 16.91 8.79
N ILE A 217 -14.14 17.04 9.48
CA ILE A 217 -12.85 17.04 8.81
C ILE A 217 -12.66 15.76 8.02
N GLY A 218 -12.87 14.63 8.69
CA GLY A 218 -12.61 13.33 8.10
C GLY A 218 -13.37 13.12 6.81
N LYS A 219 -14.59 13.66 6.75
CA LYS A 219 -15.45 13.40 5.61
C LYS A 219 -14.97 14.11 4.34
N VAL A 220 -14.46 15.34 4.48
CA VAL A 220 -13.95 16.07 3.33
C VAL A 220 -12.71 15.40 2.74
N LEU A 221 -11.77 15.05 3.62
CA LEU A 221 -10.53 14.34 3.26
C LEU A 221 -10.74 12.98 2.55
N CYS A 222 -11.78 12.23 2.95
CA CYS A 222 -12.13 10.99 2.27
C CYS A 222 -12.79 11.22 0.91
N GLU A 223 -13.64 12.24 0.82
CA GLU A 223 -14.47 12.42 -0.36
C GLU A 223 -13.78 13.22 -1.44
N HIS A 224 -12.82 14.05 -1.05
CA HIS A 224 -12.27 14.97 -2.01
C HIS A 224 -11.38 14.28 -3.03
N LYS A 225 -11.57 14.62 -4.30
CA LYS A 225 -10.81 14.06 -5.41
C LYS A 225 -9.42 14.63 -5.57
N ASP A 226 -9.10 15.72 -4.86
CA ASP A 226 -7.75 16.24 -4.91
C ASP A 226 -6.90 15.76 -3.74
N VAL A 227 -7.48 14.92 -2.89
CA VAL A 227 -6.70 14.28 -1.85
C VAL A 227 -6.49 12.80 -2.17
N PRO A 228 -5.53 12.50 -3.03
CA PRO A 228 -5.28 11.14 -3.52
C PRO A 228 -4.78 10.21 -2.44
N LEU A 230 -4.16 9.45 1.93
CA LEU A 230 -4.34 9.72 3.34
C LEU A 230 -3.29 8.99 4.16
N SER A 231 -2.62 9.70 5.06
CA SER A 231 -1.72 9.07 6.02
C SER A 231 -2.30 9.22 7.43
N PHE A 232 -2.78 8.11 7.98
CA PHE A 232 -3.50 8.10 9.26
C PHE A 232 -2.84 7.20 10.33
N THR A 233 -2.55 7.81 11.48
CA THR A 233 -2.20 7.03 12.66
C THR A 233 -3.32 7.23 13.65
N GLY A 234 -3.78 6.15 14.28
CA GLY A 234 -4.83 6.25 15.27
C GLY A 234 -5.48 4.92 15.62
N SER A 235 -6.77 4.93 15.93
CA SER A 235 -7.43 3.69 16.33
C SER A 235 -7.69 2.74 15.15
N THR A 236 -7.55 1.45 15.40
CA THR A 236 -7.81 0.43 14.40
C THR A 236 -9.24 0.58 13.86
N GLU A 237 -10.17 0.93 14.75
CA GLU A 237 -11.57 1.13 14.37
C GLU A 237 -11.70 2.22 13.30
N VAL A 238 -11.24 3.43 13.62
CA VAL A 238 -11.32 4.56 12.68
C VAL A 238 -10.58 4.26 11.38
N GLY A 239 -9.41 3.63 11.52
CA GLY A 239 -8.65 3.13 10.39
C GLY A 239 -9.44 2.24 9.47
N ARG A 240 -10.23 1.33 10.03
CA ARG A 240 -11.06 0.46 9.21
C ARG A 240 -12.09 1.26 8.45
N LYS A 241 -12.56 2.33 9.10
CA LYS A 241 -13.62 3.13 8.53
C LYS A 241 -13.06 3.95 7.38
N LEU A 242 -11.82 4.40 7.54
CA LEU A 242 -11.17 5.13 6.46
C LEU A 242 -11.04 4.25 5.23
N ILE A 243 -10.71 2.99 5.46
CA ILE A 243 -10.48 2.09 4.34
C ILE A 243 -11.77 2.00 3.55
N VAL A 244 -12.86 1.73 4.26
CA VAL A 244 -14.17 1.63 3.65
C VAL A 244 -14.58 2.93 2.96
N ASP A 245 -14.39 4.05 3.65
CA ASP A 245 -14.87 5.32 3.13
C ASP A 245 -14.02 5.86 1.99
N THR A 246 -12.87 5.25 1.71
CA THR A 246 -12.08 5.72 0.57
C THR A 246 -11.96 4.68 -0.52
N ALA A 247 -12.73 3.62 -0.43
CA ALA A 247 -12.58 2.52 -1.37
C ALA A 247 -13.01 2.89 -2.79
N GLU A 248 -14.02 3.74 -2.91
CA GLU A 248 -14.56 4.07 -4.21
C GLU A 248 -13.52 4.76 -5.06
N GLN A 249 -12.79 5.70 -4.48
CA GLN A 249 -11.71 6.32 -5.22
C GLN A 249 -10.45 5.49 -5.23
N VAL A 250 -10.47 4.40 -4.46
CA VAL A 250 -9.30 3.55 -4.29
C VAL A 250 -8.12 4.41 -3.82
N LYS A 251 -8.32 5.17 -2.75
CA LYS A 251 -7.29 6.08 -2.30
C LYS A 251 -6.08 5.33 -1.79
N LYS A 252 -4.91 5.88 -2.04
CA LYS A 252 -3.69 5.38 -1.43
C LYS A 252 -3.70 5.70 0.07
N LEU A 253 -3.53 4.69 0.92
CA LEU A 253 -3.51 4.89 2.37
C LEU A 253 -2.22 4.40 3.04
N ALA A 254 -1.71 5.17 3.98
CA ALA A 254 -0.72 4.67 4.92
C ALA A 254 -1.39 4.62 6.27
N LEU A 255 -1.30 3.45 6.92
CA LEU A 255 -2.05 3.22 8.15
C LEU A 255 -1.16 2.67 9.25
N GLU A 256 -1.06 3.42 10.33
CA GLU A 256 -0.38 2.94 11.50
C GLU A 256 -1.42 2.87 12.61
N LEU A 257 -1.90 1.68 12.90
CA LEU A 257 -3.02 1.55 13.79
C LEU A 257 -2.64 0.88 15.12
N GLY A 258 -3.57 0.14 15.73
CA GLY A 258 -3.32 -0.48 17.02
C GLY A 258 -2.26 -1.57 17.01
N GLY A 259 -1.78 -1.94 18.20
CA GLY A 259 -0.84 -3.04 18.33
C GLY A 259 -1.08 -3.75 19.65
N ASN A 260 -0.43 -4.90 19.83
CA ASN A 260 -0.48 -5.66 21.08
C ASN A 260 0.89 -6.26 21.29
N ALA A 261 1.85 -5.41 21.66
CA ALA A 261 3.25 -5.80 21.70
C ALA A 261 3.59 -6.84 22.79
N PRO A 262 4.21 -7.95 22.37
CA PRO A 262 4.74 -8.98 23.28
C PRO A 262 6.19 -8.64 23.58
N PHE A 263 6.54 -8.61 24.86
CA PHE A 263 7.92 -8.33 25.30
C PHE A 263 8.40 -9.61 25.98
N ILE A 264 9.29 -10.33 25.31
CA ILE A 264 9.60 -11.72 25.66
C ILE A 264 10.95 -11.88 26.34
N VAL A 265 11.00 -12.61 27.45
CA VAL A 265 12.25 -12.77 28.20
C VAL A 265 12.67 -14.22 28.47
N PHE A 266 13.71 -14.69 27.79
CA PHE A 266 14.17 -16.05 28.00
C PHE A 266 14.95 -16.27 29.32
N ASP A 267 15.00 -17.53 29.77
CA ASP A 267 15.73 -17.91 30.98
C ASP A 267 17.24 -17.68 30.90
N ASP A 268 17.76 -17.60 29.68
CA ASP A 268 19.18 -17.28 29.49
C ASP A 268 19.41 -15.77 29.27
N ALA A 269 18.36 -14.98 29.37
CA ALA A 269 18.47 -13.53 29.16
C ALA A 269 19.19 -12.84 30.31
N ASP A 270 19.92 -11.76 30.00
CA ASP A 270 20.45 -10.87 31.02
C ASP A 270 19.27 -10.13 31.64
N LEU A 271 18.90 -10.52 32.86
CA LEU A 271 17.68 -10.00 33.49
C LEU A 271 17.73 -8.52 33.80
N GLU A 272 18.89 -8.04 34.26
CA GLU A 272 19.02 -6.65 34.64
C GLU A 272 18.81 -5.76 33.43
N ALA A 273 19.35 -6.19 32.29
CA ALA A 273 19.20 -5.41 31.06
C ALA A 273 17.75 -5.40 30.57
N ALA A 274 17.11 -6.57 30.57
CA ALA A 274 15.71 -6.65 30.21
C ALA A 274 14.81 -5.81 31.15
N ALA A 275 15.07 -5.91 32.45
CA ALA A 275 14.33 -5.12 33.43
C ALA A 275 14.49 -3.64 33.15
N ASP A 276 15.74 -3.23 32.94
CA ASP A 276 16.05 -1.86 32.57
C ASP A 276 15.27 -1.46 31.32
N ASN A 277 15.36 -2.31 30.30
CA ASN A 277 14.70 -2.03 29.05
C ASN A 277 13.18 -1.98 29.17
N LEU A 278 12.63 -2.90 29.95
CA LEU A 278 11.19 -2.99 30.09
C LEU A 278 10.65 -1.70 30.69
N ILE A 279 11.25 -1.23 31.77
CA ILE A 279 10.82 0.00 32.42
C ILE A 279 10.92 1.22 31.51
N ALA A 280 11.91 1.26 30.63
CA ALA A 280 12.03 2.40 29.72
C ALA A 280 11.01 2.35 28.57
N ASN A 281 10.72 1.15 28.11
CA ASN A 281 9.79 0.97 27.01
C ASN A 281 8.33 1.17 27.46
N LYS A 282 8.01 0.51 28.57
CA LYS A 282 6.63 0.45 29.05
C LYS A 282 6.02 1.78 29.52
N PHE A 283 6.84 2.64 30.09
CA PHE A 283 6.28 3.76 30.83
C PHE A 283 6.41 5.07 30.10
N ARG A 284 7.10 5.06 28.96
CA ARG A 284 7.14 6.21 28.08
C ARG A 284 5.71 6.55 27.71
N GLY A 285 5.35 7.82 27.81
CA GLY A 285 4.00 8.25 27.47
C GLY A 285 2.99 7.61 28.41
N GLY A 286 3.49 7.20 29.57
CA GLY A 286 2.65 6.60 30.58
C GLY A 286 2.08 5.28 30.12
N GLY A 287 2.77 4.65 29.17
CA GLY A 287 2.35 3.39 28.59
C GLY A 287 1.33 3.56 27.49
N GLN A 288 0.99 4.81 27.19
CA GLN A 288 -0.05 5.13 26.21
C GLN A 288 0.49 5.18 24.79
N THR A 289 1.04 4.06 24.33
CA THR A 289 1.76 3.99 23.07
C THR A 289 1.58 2.61 22.45
N CYS A 290 1.66 2.51 21.13
CA CYS A 290 1.49 1.22 20.49
C CYS A 290 2.80 0.48 20.38
N VAL A 291 3.84 1.12 20.89
CA VAL A 291 5.14 0.52 20.97
C VAL A 291 5.41 0.00 22.39
N CYS A 292 4.56 0.38 23.33
CA CYS A 292 4.71 -0.09 24.71
C CYS A 292 4.43 -1.57 24.86
N ALA A 293 5.27 -2.26 25.61
CA ALA A 293 5.03 -3.67 25.85
C ALA A 293 3.60 -3.77 26.38
N ASN A 294 2.85 -4.75 25.90
CA ASN A 294 1.49 -4.95 26.41
C ASN A 294 1.38 -6.30 27.09
N ARG A 295 2.10 -7.28 26.55
CA ARG A 295 2.18 -8.62 27.14
C ARG A 295 3.63 -8.94 27.45
N ILE A 296 3.96 -9.17 28.71
CA ILE A 296 5.33 -9.51 29.07
C ILE A 296 5.43 -11.00 29.31
N PHE A 297 6.04 -11.71 28.37
CA PHE A 297 6.22 -13.14 28.50
C PHE A 297 7.54 -13.43 29.19
N VAL A 298 7.48 -14.11 30.33
CA VAL A 298 8.70 -14.47 31.05
C VAL A 298 8.82 -15.98 31.27
N HIS A 299 10.03 -16.49 31.06
CA HIS A 299 10.29 -17.89 31.25
C HIS A 299 10.16 -18.28 32.74
N GLU A 300 9.53 -19.43 32.98
CA GLU A 300 9.23 -19.85 34.34
C GLU A 300 10.45 -19.84 35.26
N LYS A 301 11.64 -20.13 34.72
CA LYS A 301 12.83 -20.27 35.57
C LYS A 301 13.29 -18.92 36.10
N VAL A 302 12.83 -17.83 35.50
CA VAL A 302 13.29 -16.49 35.86
C VAL A 302 12.15 -15.53 36.19
N ALA A 303 10.93 -16.05 36.20
CA ALA A 303 9.74 -15.24 36.48
C ALA A 303 9.80 -14.50 37.82
N ASP A 304 10.06 -15.25 38.89
CA ASP A 304 10.11 -14.70 40.25
C ASP A 304 11.18 -13.63 40.40
N ALA A 305 12.39 -13.96 40.00
CA ALA A 305 13.49 -13.02 40.04
C ALA A 305 13.15 -11.81 39.16
N PHE A 306 12.48 -12.07 38.04
CA PHE A 306 12.18 -10.97 37.14
C PHE A 306 11.17 -9.99 37.72
N GLY A 307 10.11 -10.50 38.35
CA GLY A 307 9.10 -9.64 38.96
C GLY A 307 9.72 -8.77 40.03
N GLN A 308 10.58 -9.37 40.84
CA GLN A 308 11.28 -8.68 41.90
C GLN A 308 11.99 -7.48 41.34
N LYS A 309 12.82 -7.73 40.32
CA LYS A 309 13.57 -6.68 39.66
C LYS A 309 12.65 -5.58 39.15
N LEU A 310 11.49 -5.97 38.62
CA LEU A 310 10.56 -4.97 38.09
C LEU A 310 9.83 -4.16 39.17
N ALA A 311 9.44 -4.84 40.25
CA ALA A 311 8.77 -4.19 41.38
C ALA A 311 9.75 -3.27 42.08
N GLU A 312 11.00 -3.70 42.15
CA GLU A 312 12.08 -2.88 42.70
C GLU A 312 12.22 -1.52 42.01
N ARG A 313 12.13 -1.50 40.69
CA ARG A 313 12.28 -0.27 39.93
C ARG A 313 11.01 0.54 39.89
N VAL A 314 9.88 -0.15 39.82
CA VAL A 314 8.59 0.50 39.79
C VAL A 314 8.32 1.31 41.07
N ASN A 315 8.71 0.77 42.22
CA ASN A 315 8.38 1.42 43.48
C ASN A 315 9.14 2.72 43.69
N LYS A 316 10.30 2.84 43.06
CA LYS A 316 11.05 4.08 43.12
C LYS A 316 10.44 5.15 42.23
N THR A 318 7.73 7.76 40.35
CA THR A 318 6.89 8.78 40.94
C THR A 318 5.89 9.25 39.92
N VAL A 319 4.65 9.44 40.36
CA VAL A 319 3.58 9.90 39.49
C VAL A 319 3.16 11.27 39.94
N GLY A 320 2.86 12.15 39.00
CA GLY A 320 2.31 13.44 39.33
C GLY A 320 2.16 14.35 38.13
N ASP A 321 1.80 15.61 38.39
CA ASP A 321 1.86 16.67 37.40
C ASP A 321 3.23 16.62 36.73
N GLY A 322 3.24 16.65 35.41
CA GLY A 322 4.48 16.52 34.67
C GLY A 322 5.28 17.81 34.54
N ASN A 324 6.21 19.45 37.06
CA ASN A 324 7.12 19.44 38.18
C ASN A 324 8.30 18.49 38.01
N ASP A 325 9.48 18.93 38.44
CA ASP A 325 10.68 18.11 38.34
C ASP A 325 10.47 16.81 39.11
N GLY A 326 11.17 15.77 38.69
CA GLY A 326 11.23 14.54 39.45
C GLY A 326 10.06 13.60 39.21
N ILE A 327 9.12 14.04 38.38
CA ILE A 327 7.99 13.19 38.02
C ILE A 327 8.33 12.27 36.85
N ASP A 328 8.30 10.96 37.09
CA ASP A 328 8.59 9.98 36.05
C ASP A 328 7.44 9.72 35.10
N ILE A 329 6.22 9.81 35.60
CA ILE A 329 5.05 9.61 34.75
C ILE A 329 3.90 10.51 35.18
N GLY A 330 3.19 11.05 34.18
CA GLY A 330 2.09 11.99 34.44
C GLY A 330 0.74 11.33 34.31
N PRO A 331 -0.33 12.11 34.23
CA PRO A 331 -1.64 11.45 34.22
C PRO A 331 -1.85 10.76 32.88
N LEU A 332 -2.91 9.96 32.78
CA LEU A 332 -3.38 9.42 31.49
C LEU A 332 -4.22 10.49 30.83
N ILE A 333 -4.53 10.32 29.54
CA ILE A 333 -5.10 11.41 28.76
C ILE A 333 -6.54 11.75 29.11
N ASN A 334 -7.33 10.75 29.47
CA ASN A 334 -8.74 10.98 29.80
C ASN A 334 -9.43 9.85 30.56
N LYS A 335 -10.66 10.12 30.97
CA LYS A 335 -11.39 9.19 31.82
C LYS A 335 -11.59 7.86 31.13
N GLN A 336 -11.87 7.88 29.84
CA GLN A 336 -12.09 6.63 29.13
C GLN A 336 -10.82 5.76 29.22
N GLY A 337 -9.67 6.37 28.95
CA GLY A 337 -8.38 5.69 29.04
C GLY A 337 -8.09 5.17 30.43
N PHE A 338 -8.29 6.04 31.43
CA PHE A 338 -8.15 5.67 32.82
C PHE A 338 -9.07 4.47 33.18
N ASP A 339 -10.34 4.55 32.82
CA ASP A 339 -11.25 3.47 33.17
C ASP A 339 -10.81 2.14 32.56
N LYS A 340 -10.28 2.18 31.35
CA LYS A 340 -9.80 0.96 30.71
C LYS A 340 -8.62 0.36 31.46
N VAL A 341 -7.63 1.19 31.79
CA VAL A 341 -6.51 0.67 32.55
C VAL A 341 -7.03 0.06 33.86
N LYS A 342 -8.01 0.74 34.47
CA LYS A 342 -8.58 0.24 35.71
C LYS A 342 -9.23 -1.12 35.50
N ARG A 343 -10.06 -1.20 34.48
CA ARG A 343 -10.82 -2.41 34.18
C ARG A 343 -9.96 -3.64 33.87
N HIS A 344 -8.82 -3.42 33.20
CA HIS A 344 -7.84 -4.48 32.94
C HIS A 344 -7.14 -4.87 34.21
N LEU A 345 -6.98 -3.94 35.12
CA LEU A 345 -6.39 -4.32 36.39
C LEU A 345 -7.37 -5.20 37.18
N GLN A 346 -8.58 -4.70 37.36
CA GLN A 346 -9.63 -5.47 38.00
C GLN A 346 -9.78 -6.86 37.40
N ASP A 347 -9.80 -6.93 36.07
CA ASP A 347 -10.08 -8.18 35.38
C ASP A 347 -8.99 -9.19 35.68
N ALA A 348 -7.75 -8.73 35.67
CA ALA A 348 -6.63 -9.58 35.95
C ALA A 348 -6.71 -10.19 37.35
N LEU A 349 -7.01 -9.35 38.34
CA LEU A 349 -7.07 -9.81 39.72
C LEU A 349 -8.31 -10.67 39.96
N ASP A 350 -9.42 -10.33 39.30
CA ASP A 350 -10.63 -11.14 39.44
C ASP A 350 -10.37 -12.55 38.95
N LYS A 351 -9.44 -12.71 38.01
CA LYS A 351 -9.19 -14.02 37.44
C LYS A 351 -7.93 -14.70 37.98
N GLY A 352 -7.32 -14.13 39.02
CA GLY A 352 -6.23 -14.81 39.70
C GLY A 352 -4.86 -14.13 39.70
N ALA A 353 -4.68 -13.12 38.86
CA ALA A 353 -3.38 -12.50 38.73
C ALA A 353 -2.95 -11.92 40.09
N SER A 354 -1.65 -11.94 40.35
CA SER A 354 -1.13 -11.42 41.61
C SER A 354 -0.63 -9.99 41.47
N LEU A 355 -0.87 -9.20 42.50
CA LEU A 355 -0.47 -7.81 42.51
C LEU A 355 0.94 -7.66 43.07
N VAL A 356 1.93 -7.73 42.19
CA VAL A 356 3.33 -7.59 42.58
C VAL A 356 3.68 -6.16 43.00
N ALA A 357 3.11 -5.18 42.31
CA ALA A 357 3.42 -3.79 42.61
C ALA A 357 2.32 -2.86 42.14
N GLY A 358 2.06 -1.81 42.91
CA GLY A 358 1.00 -0.88 42.60
C GLY A 358 -0.16 -1.05 43.55
N LYS A 359 -1.29 -0.42 43.25
CA LYS A 359 -2.45 -0.39 44.12
C LYS A 359 -3.62 -1.23 43.59
N GLN A 360 -4.45 -1.73 44.52
CA GLN A 360 -5.76 -2.31 44.22
C GLN A 360 -6.66 -1.24 43.57
N PRO A 361 -7.44 -1.62 42.55
CA PRO A 361 -8.24 -0.64 41.80
C PRO A 361 -9.16 0.25 42.65
N ALA A 362 -9.66 -0.25 43.77
CA ALA A 362 -10.55 0.56 44.58
C ALA A 362 -9.81 1.69 45.28
N GLU A 363 -8.48 1.57 45.39
CA GLU A 363 -7.67 2.59 46.05
C GLU A 363 -7.24 3.71 45.08
N LEU A 364 -7.55 3.53 43.81
CA LEU A 364 -7.11 4.47 42.79
C LEU A 364 -7.73 5.85 42.97
N GLY A 365 -6.85 6.87 42.91
CA GLY A 365 -7.21 8.27 43.10
C GLY A 365 -8.32 8.83 42.20
N ASP A 366 -8.79 10.01 42.59
CA ASP A 366 -9.88 10.67 41.88
C ASP A 366 -9.39 11.35 40.61
N GLY A 367 -8.09 11.24 40.34
CA GLY A 367 -7.51 11.93 39.20
C GLY A 367 -7.48 11.05 37.96
N LEU A 368 -6.63 11.44 37.01
CA LEU A 368 -6.33 10.58 35.90
C LEU A 368 -4.98 9.94 36.18
N PHE A 369 -4.49 10.11 37.41
CA PHE A 369 -3.19 9.55 37.79
C PHE A 369 -3.28 8.06 38.10
N PHE A 370 -2.57 7.28 37.32
CA PHE A 370 -2.55 5.85 37.52
C PHE A 370 -1.12 5.39 37.79
N PRO A 371 -0.92 4.76 38.95
CA PRO A 371 0.38 4.35 39.47
C PRO A 371 0.98 3.17 38.69
N PRO A 372 2.30 3.17 38.52
CA PRO A 372 2.92 2.05 37.82
C PRO A 372 2.60 0.77 38.55
N THR A 373 2.07 -0.23 37.84
CA THR A 373 1.56 -1.46 38.44
C THR A 373 2.10 -2.69 37.76
N VAL A 374 2.24 -3.77 38.52
CA VAL A 374 2.79 -5.01 37.99
C VAL A 374 1.99 -6.23 38.45
N VAL A 375 1.36 -6.94 37.54
CA VAL A 375 0.64 -8.14 37.93
C VAL A 375 1.27 -9.39 37.37
N GLN A 376 1.24 -10.46 38.16
CA GLN A 376 1.78 -11.73 37.70
C GLN A 376 0.67 -12.78 37.65
N GLY A 377 0.83 -13.76 36.79
CA GLY A 377 -0.14 -14.84 36.66
C GLY A 377 -1.17 -14.61 35.57
N VAL A 378 -0.77 -13.93 34.49
CA VAL A 378 -1.71 -13.54 33.46
C VAL A 378 -1.76 -14.53 32.30
N ASP A 379 -2.96 -14.87 31.84
CA ASP A 379 -3.12 -15.79 30.70
C ASP A 379 -4.02 -15.23 29.61
N ARG A 380 -4.17 -15.97 28.51
CA ARG A 380 -4.93 -15.48 27.36
C ARG A 380 -6.38 -15.17 27.67
N GLU A 381 -6.87 -15.57 28.84
CA GLU A 381 -8.28 -15.36 29.23
C GLU A 381 -8.52 -13.95 29.71
N CYS A 383 -8.44 -9.78 29.79
CA CYS A 383 -8.64 -8.62 28.94
C CYS A 383 -7.35 -7.96 28.49
N CYS A 384 -6.46 -7.73 29.46
CA CYS A 384 -5.25 -6.97 29.19
C CYS A 384 -4.36 -7.76 28.24
N TYR A 385 -4.64 -9.06 28.11
CA TYR A 385 -3.92 -9.93 27.21
C TYR A 385 -4.56 -9.85 25.85
N GLN A 386 -5.88 -9.67 25.83
CA GLN A 386 -6.62 -9.66 24.58
C GLN A 386 -6.65 -8.26 23.94
N GLU A 387 -6.62 -7.23 24.79
CA GLU A 387 -6.74 -5.86 24.35
C GLU A 387 -5.44 -5.13 24.65
N GLU A 388 -5.19 -4.03 23.95
CA GLU A 388 -4.07 -3.20 24.34
C GLU A 388 -4.52 -2.22 25.43
N THR A 389 -3.67 -2.10 26.44
CA THR A 389 -4.05 -1.51 27.73
C THR A 389 -3.92 0.00 27.73
N PHE A 390 -2.95 0.51 26.98
CA PHE A 390 -2.67 1.94 26.93
C PHE A 390 -2.63 2.60 28.31
N GLY A 391 -1.83 2.04 29.20
CA GLY A 391 -1.68 2.56 30.54
C GLY A 391 -0.48 1.93 31.21
N PRO A 392 -0.12 2.42 32.40
CA PRO A 392 1.10 2.00 33.10
C PRO A 392 0.94 0.67 33.78
N LEU A 393 0.40 -0.32 33.07
CA LEU A 393 0.19 -1.64 33.63
C LEU A 393 1.15 -2.64 33.00
N VAL A 394 1.73 -3.51 33.81
CA VAL A 394 2.67 -4.50 33.29
C VAL A 394 2.21 -5.90 33.59
N PRO A 395 1.59 -6.57 32.62
CA PRO A 395 1.03 -7.91 32.86
C PRO A 395 1.98 -9.05 32.47
N ALA A 397 3.00 -12.95 31.85
CA ALA A 397 2.52 -14.28 31.50
C ALA A 397 3.70 -15.20 31.49
N LEU A 398 3.53 -16.44 31.89
CA LEU A 398 4.66 -17.36 31.90
C LEU A 398 4.76 -18.15 30.62
N PHE A 399 5.95 -18.70 30.35
CA PHE A 399 6.12 -19.65 29.24
C PHE A 399 7.36 -20.54 29.42
N ARG A 400 7.40 -21.65 28.68
CA ARG A 400 8.58 -22.53 28.67
C ARG A 400 9.36 -22.51 27.35
N THR A 401 8.73 -22.98 26.26
CA THR A 401 9.45 -23.22 25.01
C THR A 401 9.50 -22.04 24.04
N GLU A 402 10.51 -22.05 23.18
CA GLU A 402 10.63 -21.05 22.13
C GLU A 402 9.40 -21.04 21.24
N GLU A 403 9.01 -22.20 20.71
CA GLU A 403 7.90 -22.28 19.79
C GLU A 403 6.60 -21.83 20.44
N GLU A 404 6.38 -22.24 21.68
CA GLU A 404 5.18 -21.84 22.42
C GLU A 404 5.04 -20.31 22.55
N VAL A 405 6.13 -19.62 22.87
CA VAL A 405 6.10 -18.18 23.10
C VAL A 405 5.98 -17.39 21.81
N ILE A 406 6.45 -17.97 20.71
CA ILE A 406 6.29 -17.33 19.40
C ILE A 406 4.82 -17.42 18.95
N ASP A 407 4.19 -18.58 19.10
CA ASP A 407 2.77 -18.66 18.79
C ASP A 407 2.00 -17.74 19.72
N ALA A 408 2.45 -17.63 20.96
CA ALA A 408 1.76 -16.84 21.94
C ALA A 408 1.83 -15.37 21.55
N GLY A 409 3.01 -14.94 21.09
CA GLY A 409 3.21 -13.57 20.67
C GLY A 409 2.39 -13.20 19.45
N ASN A 410 2.14 -14.17 18.59
CA ASN A 410 1.41 -13.93 17.36
C ASN A 410 -0.09 -14.05 17.58
N ASP A 411 -0.48 -14.38 18.81
CA ASP A 411 -1.87 -14.69 19.11
C ASP A 411 -2.66 -13.39 19.30
N THR A 412 -2.83 -12.65 18.21
CA THR A 412 -3.37 -11.30 18.22
C THR A 412 -3.70 -10.87 16.80
N GLU A 413 -4.61 -9.93 16.66
CA GLU A 413 -4.97 -9.34 15.37
C GLU A 413 -3.81 -8.61 14.72
N PHE A 414 -2.90 -8.13 15.57
CA PHE A 414 -1.93 -7.12 15.16
C PHE A 414 -0.53 -7.65 14.95
N GLY A 415 0.36 -6.73 14.59
CA GLY A 415 1.75 -7.04 14.31
C GLY A 415 2.57 -5.76 14.20
N LEU A 416 2.41 -4.87 15.17
CA LEU A 416 3.20 -3.67 15.20
C LEU A 416 4.57 -3.96 15.83
N ALA A 417 4.71 -3.75 17.13
CA ALA A 417 6.02 -3.97 17.76
C ALA A 417 6.10 -5.23 18.64
N SER A 418 7.32 -5.66 18.92
CA SER A 418 7.60 -6.86 19.70
C SER A 418 9.05 -6.85 20.19
N TYR A 419 9.36 -7.60 21.23
CA TYR A 419 10.70 -7.55 21.80
C TYR A 419 11.11 -8.89 22.35
N VAL A 420 12.36 -9.26 22.16
CA VAL A 420 12.83 -10.52 22.67
C VAL A 420 14.23 -10.39 23.28
N PHE A 421 14.37 -10.93 24.49
CA PHE A 421 15.66 -10.94 25.18
C PHE A 421 16.13 -12.35 25.37
N THR A 422 17.37 -12.61 25.00
CA THR A 422 17.91 -13.95 25.07
C THR A 422 19.40 -13.92 24.76
N ALA A 423 20.18 -14.63 25.56
CA ALA A 423 21.62 -14.70 25.34
C ALA A 423 21.91 -15.52 24.09
N ASP A 424 20.95 -16.36 23.71
CA ASP A 424 21.07 -17.18 22.51
C ASP A 424 20.74 -16.43 21.21
N ALA A 425 21.77 -16.10 20.45
CA ALA A 425 21.63 -15.28 19.24
C ALA A 425 21.01 -16.02 18.05
N GLU A 426 21.24 -17.33 17.95
CA GLU A 426 20.58 -18.09 16.88
C GLU A 426 19.08 -18.20 17.18
N ARG A 427 18.75 -18.37 18.46
CA ARG A 427 17.36 -18.42 18.89
C ARG A 427 16.69 -17.06 18.72
N ALA A 428 17.36 -16.00 19.16
CA ALA A 428 16.86 -14.63 18.97
C ALA A 428 16.48 -14.35 17.52
N GLN A 429 17.16 -15.01 16.60
CA GLN A 429 16.93 -14.70 15.20
C GLN A 429 15.74 -15.44 14.65
N ARG A 430 15.51 -16.64 15.20
CA ARG A 430 14.35 -17.43 14.84
C ARG A 430 13.09 -16.77 15.40
N VAL A 431 13.23 -16.10 16.55
CA VAL A 431 12.09 -15.41 17.12
C VAL A 431 11.68 -14.22 16.25
N ALA A 432 12.63 -13.34 15.94
CA ALA A 432 12.32 -12.25 15.06
C ALA A 432 11.68 -12.79 13.79
N ALA A 433 12.25 -13.83 13.21
CA ALA A 433 11.72 -14.37 11.96
C ALA A 433 10.25 -14.85 12.06
N GLY A 434 9.90 -15.47 13.19
CA GLY A 434 8.61 -16.09 13.31
C GLY A 434 7.57 -15.12 13.83
N LEU A 435 8.06 -14.04 14.42
CA LEU A 435 7.19 -13.00 14.95
C LEU A 435 6.66 -12.15 13.82
N ARG A 436 5.35 -12.18 13.61
CA ARG A 436 4.75 -11.35 12.57
C ARG A 436 4.54 -9.90 13.07
N PHE A 437 5.64 -9.22 13.35
CA PHE A 437 5.59 -7.83 13.80
C PHE A 437 6.53 -6.97 12.96
N GLY A 438 6.11 -5.73 12.70
CA GLY A 438 6.91 -4.85 11.88
C GLY A 438 8.19 -4.45 12.57
N HIS A 439 8.20 -4.56 13.89
CA HIS A 439 9.34 -4.09 14.68
C HIS A 439 9.62 -5.09 15.79
N VAL A 440 10.84 -5.62 15.82
CA VAL A 440 11.29 -6.55 16.86
C VAL A 440 12.59 -6.07 17.50
N GLY A 441 12.51 -5.71 18.77
CA GLY A 441 13.69 -5.40 19.54
C GLY A 441 14.44 -6.66 19.86
N TRP A 442 15.72 -6.66 19.52
CA TRP A 442 16.64 -7.72 19.91
C TRP A 442 17.46 -7.24 21.12
N ASN A 443 17.21 -7.83 22.28
CA ASN A 443 17.82 -7.39 23.54
C ASN A 443 17.80 -5.88 23.71
N THR A 444 16.74 -5.25 23.21
CA THR A 444 16.43 -3.85 23.48
C THR A 444 14.92 -3.64 23.40
N GLY A 445 14.44 -2.58 24.04
CA GLY A 445 13.03 -2.27 24.05
C GLY A 445 12.77 -0.94 23.38
N THR A 446 13.77 -0.42 22.68
CA THR A 446 13.66 0.88 22.03
C THR A 446 12.63 0.82 20.90
N GLY A 447 12.01 1.98 20.62
CA GLY A 447 11.00 2.05 19.60
C GLY A 447 11.57 2.40 18.26
N PRO A 448 10.71 2.87 17.35
CA PRO A 448 11.10 3.18 15.96
C PRO A 448 12.11 4.34 15.86
N THR A 449 12.84 4.39 14.75
CA THR A 449 13.83 5.45 14.54
C THR A 449 13.74 6.00 13.10
N PRO A 450 14.09 7.29 12.90
CA PRO A 450 13.93 7.89 11.57
C PRO A 450 14.71 7.14 10.50
N GLU A 451 15.80 6.51 10.89
CA GLU A 451 16.70 5.81 9.99
C GLU A 451 16.20 4.44 9.50
N ALA A 452 15.07 3.97 10.02
CA ALA A 452 14.59 2.62 9.66
C ALA A 452 13.05 2.48 9.53
N PRO A 453 12.60 1.58 8.65
CA PRO A 453 11.15 1.50 8.40
C PRO A 453 10.37 0.99 9.61
N PHE A 454 9.19 1.54 9.83
CA PHE A 454 8.34 1.11 10.94
C PHE A 454 6.87 1.09 10.52
N GLY A 455 6.17 0.03 10.90
CA GLY A 455 4.80 -0.15 10.46
C GLY A 455 4.36 -1.55 10.82
N GLY A 456 3.10 -1.86 10.55
CA GLY A 456 2.57 -3.12 10.99
C GLY A 456 2.36 -4.14 9.89
N LYS A 458 -0.13 -7.70 9.50
CA LYS A 458 -1.47 -8.00 9.98
C LYS A 458 -2.37 -6.75 10.03
N ALA A 459 -3.15 -6.61 11.10
CA ALA A 459 -4.15 -5.55 11.18
C ALA A 459 -3.62 -4.30 11.85
N SER A 460 -2.31 -4.26 12.07
CA SER A 460 -1.68 -3.09 12.67
C SER A 460 -1.42 -2.01 11.63
N GLY A 461 -1.71 -2.29 10.36
CA GLY A 461 -1.65 -1.24 9.36
C GLY A 461 -1.16 -1.54 7.96
N ILE A 462 -0.80 -0.49 7.25
CA ILE A 462 -0.38 -0.59 5.86
C ILE A 462 0.69 0.45 5.61
N GLY A 463 1.84 0.01 5.12
CA GLY A 463 2.90 0.94 4.79
C GLY A 463 3.90 1.11 5.91
N ARG A 464 4.97 1.84 5.61
CA ARG A 464 6.08 2.04 6.54
C ARG A 464 6.45 3.51 6.61
N GLU A 465 6.79 3.97 7.80
CA GLU A 465 7.31 5.31 7.98
C GLU A 465 8.74 5.18 8.44
N GLY A 466 9.59 6.13 8.04
CA GLY A 466 11.00 6.12 8.41
C GLY A 466 11.84 5.30 7.44
N GLY A 467 13.15 5.52 7.49
CA GLY A 467 14.06 4.88 6.58
C GLY A 467 13.73 5.18 5.13
N LEU A 468 14.25 4.36 4.24
CA LEU A 468 14.03 4.50 2.81
C LEU A 468 12.58 4.39 2.44
N GLU A 469 11.96 3.26 2.79
CA GLU A 469 10.61 3.01 2.34
C GLU A 469 9.68 4.14 2.77
N GLY A 470 9.96 4.74 3.93
CA GLY A 470 9.18 5.88 4.38
C GLY A 470 9.27 7.07 3.44
N LEU A 471 10.44 7.29 2.86
CA LEU A 471 10.63 8.36 1.89
C LEU A 471 9.77 8.13 0.65
N PHE A 472 9.41 6.88 0.38
CA PHE A 472 8.62 6.55 -0.82
C PHE A 472 7.11 6.46 -0.59
N GLU A 473 6.65 6.83 0.59
CA GLU A 473 5.24 6.73 0.90
C GLU A 473 4.40 7.72 0.07
N PHE A 474 4.84 8.97 0.04
CA PHE A 474 4.06 10.01 -0.62
C PHE A 474 4.36 10.26 -2.09
N VAL A 475 4.90 9.26 -2.78
CA VAL A 475 5.13 9.41 -4.21
C VAL A 475 4.44 8.32 -5.03
N GLU A 476 4.11 8.67 -6.28
CA GLU A 476 3.59 7.71 -7.26
C GLU A 476 4.71 7.41 -8.25
N ALA A 477 5.06 6.15 -8.41
CA ALA A 477 6.11 5.82 -9.36
C ALA A 477 5.51 5.92 -10.75
N GLN A 478 6.29 6.40 -11.70
CA GLN A 478 5.78 6.58 -13.05
C GLN A 478 6.86 6.08 -13.98
N THR A 479 6.51 5.10 -14.81
CA THR A 479 7.42 4.56 -15.80
C THR A 479 7.24 5.24 -17.16
N VAL A 480 8.34 5.77 -17.69
CA VAL A 480 8.33 6.47 -18.97
C VAL A 480 9.35 5.90 -19.94
N PRO A 481 8.91 4.96 -20.80
CA PRO A 481 9.78 4.43 -21.84
C PRO A 481 9.84 5.43 -22.98
N ARG A 482 11.01 5.60 -23.60
CA ARG A 482 11.11 6.53 -24.70
C ARG A 482 11.58 5.85 -25.96
N GLY A 483 10.82 5.99 -27.02
CA GLY A 483 11.26 5.58 -28.35
C GLY A 483 11.75 6.76 -29.18
N ILE B 4 -11.38 -29.59 -26.57
CA ILE B 4 -9.93 -29.42 -26.64
C ILE B 4 -9.18 -30.57 -25.97
N GLU B 5 -8.05 -30.96 -26.55
CA GLU B 5 -7.22 -32.02 -25.98
C GLU B 5 -5.75 -31.64 -26.06
N SER B 6 -5.04 -31.85 -24.96
CA SER B 6 -3.67 -31.38 -24.86
C SER B 6 -2.93 -32.11 -23.77
N PRO B 7 -1.67 -32.48 -24.04
CA PRO B 7 -0.77 -33.11 -23.05
C PRO B 7 -0.65 -32.25 -21.79
N LEU B 8 -0.96 -30.97 -21.91
CA LEU B 8 -0.90 -30.06 -20.76
C LEU B 8 -2.20 -30.05 -19.98
N LEU B 9 -3.20 -30.77 -20.47
CA LEU B 9 -4.53 -30.72 -19.87
C LEU B 9 -5.10 -32.11 -19.59
N GLU B 10 -4.24 -33.06 -19.26
CA GLU B 10 -4.73 -34.39 -18.96
C GLU B 10 -5.34 -34.38 -17.55
N ASN B 11 -4.93 -33.40 -16.76
CA ASN B 11 -5.53 -33.14 -15.46
C ASN B 11 -6.38 -31.89 -15.46
N LEU B 12 -7.67 -32.07 -15.73
CA LEU B 12 -8.59 -30.94 -15.81
C LEU B 12 -9.24 -30.74 -14.47
N THR B 13 -8.51 -30.14 -13.54
CA THR B 13 -9.01 -30.04 -12.18
C THR B 13 -8.14 -29.05 -11.43
N GLY B 14 -8.44 -28.87 -10.14
CA GLY B 14 -7.63 -28.04 -9.28
C GLY B 14 -6.27 -28.62 -8.97
N TYR B 15 -5.54 -27.92 -8.11
CA TYR B 15 -4.22 -28.34 -7.71
C TYR B 15 -3.99 -27.84 -6.27
N ILE B 16 -3.80 -28.78 -5.36
CA ILE B 16 -3.70 -28.46 -3.95
C ILE B 16 -2.61 -29.30 -3.36
N GLY B 17 -1.66 -28.67 -2.67
CA GLY B 17 -0.57 -29.38 -2.03
C GLY B 17 0.10 -30.44 -2.89
N GLY B 18 0.44 -30.08 -4.13
CA GLY B 18 1.15 -30.98 -5.03
C GLY B 18 0.24 -32.00 -5.70
N ARG B 19 -1.07 -31.87 -5.48
CA ARG B 19 -2.03 -32.84 -5.97
C ARG B 19 -3.08 -32.23 -6.88
N TRP B 20 -3.31 -32.86 -8.03
CA TRP B 20 -4.45 -32.51 -8.86
C TRP B 20 -5.69 -33.06 -8.20
N LYS B 21 -6.57 -32.21 -7.68
CA LYS B 21 -7.80 -32.73 -7.10
C LYS B 21 -8.87 -31.67 -7.00
N ASP B 22 -10.11 -32.12 -6.78
CA ASP B 22 -11.24 -31.22 -6.64
C ASP B 22 -12.37 -31.95 -5.95
N SER B 23 -13.33 -31.22 -5.38
CA SER B 23 -14.47 -31.80 -4.65
C SER B 23 -15.79 -31.30 -5.19
N ALA B 24 -15.82 -31.02 -6.48
CA ALA B 24 -17.01 -30.45 -7.08
C ALA B 24 -18.07 -31.53 -7.17
N GLY B 25 -17.60 -32.78 -7.13
CA GLY B 25 -18.49 -33.91 -7.29
C GLY B 25 -19.12 -33.87 -8.66
N GLY B 26 -18.29 -33.56 -9.66
CA GLY B 26 -18.77 -33.50 -11.03
C GLY B 26 -19.35 -32.16 -11.42
N ALA B 27 -19.49 -31.27 -10.43
CA ALA B 27 -19.97 -29.93 -10.71
C ALA B 27 -19.10 -29.35 -11.80
N THR B 28 -19.68 -28.54 -12.66
CA THR B 28 -18.93 -28.06 -13.79
C THR B 28 -19.30 -26.65 -14.26
N PHE B 29 -18.35 -25.96 -14.90
CA PHE B 29 -18.66 -24.77 -15.68
C PHE B 29 -18.04 -24.83 -17.10
N ASP B 30 -18.74 -24.27 -18.09
CA ASP B 30 -18.28 -24.34 -19.49
C ASP B 30 -17.24 -23.28 -19.88
N VAL B 31 -16.29 -23.70 -20.68
CA VAL B 31 -15.31 -22.80 -21.26
C VAL B 31 -15.50 -22.77 -22.78
N TYR B 32 -15.93 -21.63 -23.31
CA TYR B 32 -16.18 -21.46 -24.75
C TYR B 32 -14.99 -20.95 -25.56
N ASN B 33 -15.01 -21.23 -26.86
CA ASN B 33 -14.13 -20.57 -27.82
C ASN B 33 -14.91 -19.46 -28.50
N PRO B 34 -14.52 -18.20 -28.25
CA PRO B 34 -15.28 -17.05 -28.76
C PRO B 34 -15.35 -17.07 -30.28
N ALA B 35 -14.39 -17.76 -30.91
CA ALA B 35 -14.34 -17.92 -32.37
C ALA B 35 -15.44 -18.84 -32.95
N THR B 36 -15.76 -19.92 -32.24
CA THR B 36 -16.70 -20.92 -32.74
C THR B 36 -18.05 -20.92 -32.02
N GLY B 37 -18.10 -20.22 -30.89
CA GLY B 37 -19.31 -20.18 -30.09
C GLY B 37 -19.65 -21.53 -29.50
N SER B 38 -18.63 -22.40 -29.41
CA SER B 38 -18.81 -23.76 -28.90
C SER B 38 -18.01 -24.07 -27.63
N VAL B 39 -18.56 -24.94 -26.80
CA VAL B 39 -17.90 -25.34 -25.58
C VAL B 39 -16.68 -26.19 -25.93
N ILE B 40 -15.53 -25.82 -25.39
CA ILE B 40 -14.30 -26.56 -25.68
C ILE B 40 -13.79 -27.32 -24.47
N ALA B 41 -14.45 -27.14 -23.33
CA ALA B 41 -14.05 -27.83 -22.10
C ALA B 41 -15.02 -27.62 -20.95
N LYS B 42 -15.15 -28.62 -20.10
CA LYS B 42 -16.00 -28.50 -18.91
C LYS B 42 -15.08 -28.58 -17.73
N VAL B 43 -15.00 -27.50 -16.98
CA VAL B 43 -14.03 -27.42 -15.91
C VAL B 43 -14.73 -27.50 -14.56
N PRO B 44 -14.17 -28.32 -13.65
CA PRO B 44 -14.69 -28.52 -12.29
C PRO B 44 -14.92 -27.20 -11.59
N SER B 45 -16.15 -26.98 -11.13
CA SER B 45 -16.47 -25.79 -10.37
C SER B 45 -16.31 -26.11 -8.88
N PRO B 47 -15.67 -26.11 -4.71
CA PRO B 47 -16.42 -25.63 -3.55
C PRO B 47 -15.56 -24.85 -2.57
N GLU B 48 -16.24 -24.14 -1.67
CA GLU B 48 -15.60 -23.47 -0.55
C GLU B 48 -14.46 -24.29 0.02
N GLU B 49 -14.75 -25.53 0.40
CA GLU B 49 -13.78 -26.37 1.12
C GLU B 49 -12.47 -26.64 0.35
N ASP B 50 -12.52 -26.79 -0.96
CA ASP B 50 -11.29 -26.87 -1.77
C ASP B 50 -10.40 -25.64 -1.57
N VAL B 51 -11.02 -24.46 -1.56
CA VAL B 51 -10.28 -23.21 -1.40
C VAL B 51 -9.67 -23.16 0.00
N VAL B 52 -10.38 -23.69 0.98
CA VAL B 52 -9.84 -23.65 2.33
C VAL B 52 -8.70 -24.65 2.43
N ALA B 53 -8.86 -25.78 1.77
CA ALA B 53 -7.81 -26.79 1.70
C ALA B 53 -6.56 -26.19 1.06
N ALA B 54 -6.77 -25.37 0.04
CA ALA B 54 -5.66 -24.73 -0.65
C ALA B 54 -4.87 -23.81 0.27
N VAL B 55 -5.58 -23.12 1.16
CA VAL B 55 -4.95 -22.16 2.02
C VAL B 55 -4.17 -22.89 3.09
N GLU B 56 -4.75 -23.97 3.62
CA GLU B 56 -4.06 -24.79 4.60
C GLU B 56 -2.77 -25.35 4.02
N ALA B 57 -2.82 -25.75 2.75
CA ALA B 57 -1.61 -26.28 2.11
C ALA B 57 -0.55 -25.20 1.95
N GLY B 58 -0.95 -24.03 1.48
CA GLY B 58 -0.03 -22.91 1.36
C GLY B 58 0.58 -22.57 2.71
N GLN B 59 -0.28 -22.51 3.72
CA GLN B 59 0.18 -22.14 5.05
C GLN B 59 1.25 -23.10 5.49
N SER B 60 1.15 -24.33 5.01
CA SER B 60 2.07 -25.41 5.40
C SER B 60 3.39 -25.44 4.61
N ALA B 61 3.44 -24.68 3.51
CA ALA B 61 4.68 -24.49 2.78
C ALA B 61 5.35 -23.20 3.20
N LEU B 62 4.61 -22.35 3.92
CA LEU B 62 5.17 -21.08 4.40
C LEU B 62 6.21 -21.36 5.46
N ARG B 63 7.38 -20.78 5.32
CA ARG B 63 8.43 -21.06 6.28
C ARG B 63 9.17 -19.81 6.72
N LEU B 64 8.99 -19.46 7.99
CA LEU B 64 9.55 -18.23 8.52
C LEU B 64 10.86 -18.51 9.25
N THR B 65 10.78 -19.34 10.28
CA THR B 65 11.95 -19.75 11.05
C THR B 65 13.01 -20.49 10.22
N ASN B 66 12.58 -21.28 9.25
CA ASN B 66 13.52 -22.01 8.36
C ASN B 66 13.24 -21.76 6.86
N PRO B 67 13.39 -20.50 6.42
CA PRO B 67 12.99 -20.07 5.07
C PRO B 67 13.71 -20.81 3.97
N TRP B 68 13.03 -21.09 2.86
CA TRP B 68 13.68 -21.61 1.66
C TRP B 68 14.77 -20.63 1.27
N PRO B 69 15.95 -21.15 0.93
CA PRO B 69 17.09 -20.27 0.64
C PRO B 69 16.97 -19.50 -0.67
N ILE B 70 17.68 -18.39 -0.73
CA ILE B 70 17.73 -17.53 -1.90
C ILE B 70 18.06 -18.35 -3.15
N GLU B 71 19.06 -19.22 -3.06
CA GLU B 71 19.47 -20.02 -4.22
C GLU B 71 18.42 -21.03 -4.63
N THR B 72 17.65 -21.51 -3.67
CA THR B 72 16.62 -22.46 -3.96
C THR B 72 15.47 -21.78 -4.69
N ARG B 73 15.14 -20.57 -4.26
CA ARG B 73 14.05 -19.82 -4.87
C ARG B 73 14.44 -19.35 -6.28
N ARG B 74 15.68 -18.88 -6.42
CA ARG B 74 16.14 -18.45 -7.73
C ARG B 74 15.99 -19.57 -8.76
N LYS B 75 16.22 -20.82 -8.33
CA LYS B 75 16.14 -21.99 -9.20
C LYS B 75 14.69 -22.31 -9.65
N TRP B 76 13.73 -22.24 -8.72
CA TRP B 76 12.32 -22.26 -9.12
C TRP B 76 12.05 -21.20 -10.19
N LEU B 77 12.48 -19.97 -9.93
CA LEU B 77 12.26 -18.87 -10.88
C LEU B 77 12.83 -19.17 -12.25
N GLU B 78 14.08 -19.62 -12.31
CA GLU B 78 14.71 -20.00 -13.58
C GLU B 78 14.00 -21.19 -14.23
N ASP B 79 13.63 -22.18 -13.43
CA ASP B 79 13.00 -23.35 -14.01
C ASP B 79 11.64 -23.01 -14.62
N ILE B 80 10.90 -22.13 -13.96
CA ILE B 80 9.64 -21.67 -14.49
C ILE B 80 9.85 -20.86 -15.77
N ARG B 81 10.73 -19.87 -15.73
CA ARG B 81 11.06 -19.17 -16.97
C ARG B 81 11.28 -20.19 -18.09
N ASP B 82 12.05 -21.22 -17.81
CA ASP B 82 12.41 -22.21 -18.81
C ASP B 82 11.27 -23.13 -19.21
N GLY B 83 10.38 -23.41 -18.27
CA GLY B 83 9.20 -24.18 -18.58
C GLY B 83 8.24 -23.45 -19.50
N LEU B 84 8.07 -22.14 -19.26
CA LEU B 84 7.21 -21.37 -20.13
C LEU B 84 7.77 -21.39 -21.54
N LYS B 85 8.99 -20.92 -21.70
CA LYS B 85 9.63 -20.87 -23.01
C LYS B 85 9.50 -22.19 -23.77
N GLU B 86 9.73 -23.30 -23.07
CA GLU B 86 9.69 -24.61 -23.71
C GLU B 86 8.31 -24.99 -24.21
N ASN B 87 7.28 -24.41 -23.61
CA ASN B 87 5.93 -24.82 -23.92
C ASN B 87 5.13 -23.73 -24.59
N ARG B 88 5.82 -22.70 -25.04
CA ARG B 88 5.17 -21.51 -25.59
C ARG B 88 4.14 -21.85 -26.66
N GLU B 89 4.45 -22.83 -27.50
CA GLU B 89 3.61 -23.10 -28.65
C GLU B 89 2.28 -23.71 -28.24
N GLU B 90 2.34 -24.69 -27.35
CA GLU B 90 1.16 -25.40 -26.88
C GLU B 90 0.38 -24.60 -25.84
N ILE B 91 1.09 -23.92 -24.93
CA ILE B 91 0.41 -23.04 -23.98
C ILE B 91 -0.26 -21.89 -24.74
N GLY B 92 0.40 -21.41 -25.78
CA GLY B 92 -0.15 -20.36 -26.62
C GLY B 92 -1.34 -20.81 -27.42
N ARG B 93 -1.37 -22.10 -27.75
CA ARG B 93 -2.48 -22.66 -28.52
C ARG B 93 -3.77 -22.63 -27.71
N ILE B 94 -3.69 -23.10 -26.47
CA ILE B 94 -4.80 -23.07 -25.51
C ILE B 94 -5.29 -21.62 -25.21
N LEU B 95 -4.36 -20.69 -25.25
CA LEU B 95 -4.68 -19.32 -24.96
C LEU B 95 -5.50 -18.75 -26.12
N CYS B 96 -5.10 -19.12 -27.33
CA CYS B 96 -5.80 -18.64 -28.51
C CYS B 96 -7.22 -19.15 -28.50
N GLU B 98 -9.23 -20.31 -25.92
CA GLU B 98 -10.19 -19.83 -24.94
C GLU B 98 -10.35 -18.31 -24.95
N HIS B 99 -9.30 -17.61 -25.34
CA HIS B 99 -9.31 -16.15 -25.35
C HIS B 99 -9.86 -15.52 -26.62
N GLY B 100 -9.34 -15.96 -27.76
CA GLY B 100 -9.68 -15.36 -29.04
C GLY B 100 -8.43 -14.84 -29.74
N LYS B 101 -7.60 -14.10 -29.01
CA LYS B 101 -6.24 -13.73 -29.39
C LYS B 101 -5.57 -14.68 -30.39
N PRO B 102 -5.01 -14.13 -31.47
CA PRO B 102 -4.33 -14.93 -32.51
C PRO B 102 -3.19 -15.78 -31.96
N TRP B 103 -3.01 -16.97 -32.53
CA TRP B 103 -2.02 -17.93 -32.02
C TRP B 103 -0.64 -17.32 -31.84
N LYS B 104 -0.17 -16.59 -32.83
CA LYS B 104 1.14 -15.98 -32.73
C LYS B 104 1.24 -15.00 -31.56
N GLU B 105 0.23 -14.16 -31.40
CA GLU B 105 0.25 -13.16 -30.34
C GLU B 105 0.23 -13.86 -28.99
N ALA B 106 -0.48 -15.00 -28.93
CA ALA B 106 -0.67 -15.76 -27.70
C ALA B 106 0.65 -16.38 -27.28
N GLN B 107 1.39 -16.93 -28.24
CA GLN B 107 2.71 -17.45 -27.96
C GLN B 107 3.61 -16.35 -27.42
N GLY B 108 3.59 -15.21 -28.07
CA GLY B 108 4.37 -14.07 -27.63
C GLY B 108 4.06 -13.69 -26.20
N GLU B 109 2.80 -13.79 -25.80
CA GLU B 109 2.47 -13.49 -24.42
C GLU B 109 3.18 -14.45 -23.47
N VAL B 110 3.34 -15.69 -23.90
CA VAL B 110 4.04 -16.68 -23.09
C VAL B 110 5.50 -16.26 -22.91
N ASP B 111 6.10 -15.74 -23.99
CA ASP B 111 7.48 -15.27 -23.95
C ASP B 111 7.57 -14.13 -22.94
N TYR B 112 6.58 -13.24 -23.01
CA TYR B 112 6.44 -12.08 -22.12
C TYR B 112 6.36 -12.50 -20.66
N ALA B 113 5.53 -13.50 -20.40
CA ALA B 113 5.44 -14.12 -19.08
C ALA B 113 6.78 -14.66 -18.60
N ALA B 114 7.46 -15.43 -19.45
CA ALA B 114 8.76 -15.96 -19.12
C ALA B 114 9.64 -14.82 -18.63
N GLY B 115 9.49 -13.66 -19.23
CA GLY B 115 10.34 -12.53 -18.90
C GLY B 115 10.30 -12.07 -17.47
N PHE B 116 9.17 -12.27 -16.81
CA PHE B 116 8.98 -11.80 -15.43
C PHE B 116 9.68 -12.72 -14.42
N PHE B 117 9.67 -14.00 -14.72
CA PHE B 117 10.40 -14.99 -13.96
C PHE B 117 11.90 -14.77 -14.11
N ASP B 118 12.29 -14.37 -15.31
CA ASP B 118 13.69 -14.08 -15.58
C ASP B 118 14.19 -12.85 -14.79
N TYR B 119 13.34 -11.86 -14.60
CA TYR B 119 13.77 -10.64 -13.93
C TYR B 119 13.88 -10.86 -12.43
N CYS B 120 12.92 -11.59 -11.89
CA CYS B 120 12.95 -11.96 -10.47
C CYS B 120 14.09 -12.90 -10.13
N ALA B 121 14.51 -13.75 -11.06
CA ALA B 121 15.63 -14.66 -10.80
C ALA B 121 16.96 -13.89 -10.68
N LYS B 122 17.13 -12.89 -11.54
CA LYS B 122 18.36 -12.13 -11.53
C LYS B 122 18.40 -11.10 -10.43
N HIS B 123 17.25 -10.73 -9.88
CA HIS B 123 17.21 -9.62 -8.94
C HIS B 123 16.72 -10.00 -7.55
N ILE B 124 16.59 -11.31 -7.31
CA ILE B 124 16.03 -11.76 -6.06
C ILE B 124 16.90 -11.36 -4.88
N SER B 125 18.13 -10.91 -5.15
CA SER B 125 19.02 -10.48 -4.08
C SER B 125 18.60 -9.16 -3.49
N ALA B 126 17.67 -8.49 -4.16
CA ALA B 126 17.25 -7.16 -3.75
C ALA B 126 16.42 -7.24 -2.47
N LEU B 127 16.01 -8.45 -2.13
CA LEU B 127 15.26 -8.71 -0.91
C LEU B 127 16.18 -9.12 0.23
N ASP B 128 17.49 -9.15 -0.04
CA ASP B 128 18.49 -9.41 1.01
C ASP B 128 18.27 -8.43 2.15
N SER B 129 18.30 -8.91 3.40
CA SER B 129 18.22 -7.97 4.51
C SER B 129 19.46 -7.10 4.53
N HIS B 130 19.36 -5.93 5.13
CA HIS B 130 20.49 -5.01 5.18
C HIS B 130 20.62 -4.32 6.53
N THR B 131 21.85 -3.96 6.90
CA THR B 131 22.11 -3.29 8.14
C THR B 131 22.42 -1.86 7.82
N ILE B 132 21.63 -0.94 8.35
CA ILE B 132 21.90 0.49 8.15
C ILE B 132 23.25 0.85 8.79
N PRO B 133 23.87 1.94 8.32
CA PRO B 133 25.19 2.26 8.89
C PRO B 133 25.06 3.01 10.21
N GLU B 134 23.98 3.77 10.37
CA GLU B 134 23.69 4.55 11.57
C GLU B 134 23.37 3.65 12.75
N LYS B 135 23.85 4.01 13.93
CA LYS B 135 23.56 3.23 15.12
C LYS B 135 22.87 4.04 16.22
N PRO B 136 21.63 4.48 15.96
CA PRO B 136 20.84 5.25 16.93
C PRO B 136 20.56 4.43 18.19
N LYS B 137 20.14 5.11 19.26
CA LYS B 137 19.94 4.49 20.58
C LYS B 137 20.89 3.32 20.83
N ASP B 138 22.15 3.50 20.44
CA ASP B 138 23.20 2.53 20.72
C ASP B 138 22.81 1.11 20.35
N CYS B 139 22.18 0.95 19.19
CA CYS B 139 21.92 -0.39 18.64
C CYS B 139 22.46 -0.53 17.23
N THR B 140 22.41 -1.76 16.75
CA THR B 140 22.68 -2.02 15.35
C THR B 140 21.35 -2.38 14.77
N TRP B 141 21.03 -1.76 13.65
CA TRP B 141 19.70 -1.91 13.09
C TRP B 141 19.75 -2.67 11.80
N THR B 142 19.06 -3.79 11.79
CA THR B 142 18.98 -4.62 10.60
C THR B 142 17.55 -4.68 10.14
N VAL B 143 17.34 -4.55 8.83
CA VAL B 143 16.02 -4.58 8.24
C VAL B 143 15.88 -5.82 7.40
N HIS B 144 14.80 -6.55 7.63
CA HIS B 144 14.56 -7.79 6.90
C HIS B 144 13.31 -7.61 6.07
N TYR B 145 13.18 -8.41 5.03
CA TYR B 145 11.97 -8.44 4.24
C TYR B 145 11.37 -9.83 4.32
N ARG B 146 10.37 -9.97 5.18
CA ARG B 146 9.72 -11.24 5.50
C ARG B 146 8.68 -11.59 4.46
N PRO B 147 8.44 -12.89 4.26
CA PRO B 147 7.29 -13.21 3.42
C PRO B 147 6.04 -12.66 4.08
N VAL B 148 5.15 -12.08 3.30
CA VAL B 148 3.91 -11.53 3.85
C VAL B 148 3.06 -12.65 4.40
N GLY B 149 3.13 -13.81 3.76
CA GLY B 149 2.35 -14.97 4.16
C GLY B 149 1.76 -15.62 2.92
N VAL B 150 0.80 -16.52 3.10
CA VAL B 150 0.08 -17.07 1.95
C VAL B 150 -0.69 -15.97 1.27
N THR B 151 -0.54 -15.85 -0.04
CA THR B 151 -1.26 -14.83 -0.78
C THR B 151 -2.23 -15.42 -1.80
N GLY B 152 -3.33 -14.73 -2.01
CA GLY B 152 -4.24 -15.05 -3.10
C GLY B 152 -3.89 -14.20 -4.31
N LEU B 153 -3.58 -14.86 -5.42
CA LEU B 153 -3.33 -14.20 -6.70
C LEU B 153 -4.56 -14.36 -7.59
N ILE B 154 -5.23 -13.25 -7.93
CA ILE B 154 -6.44 -13.28 -8.72
C ILE B 154 -6.21 -12.52 -10.00
N VAL B 155 -6.59 -13.09 -11.12
CA VAL B 155 -6.26 -12.49 -12.40
C VAL B 155 -7.44 -12.60 -13.34
N PRO B 156 -7.50 -11.72 -14.35
CA PRO B 156 -8.62 -11.70 -15.29
C PRO B 156 -8.28 -12.45 -16.57
N TRP B 157 -9.21 -12.48 -17.51
CA TRP B 157 -8.97 -13.13 -18.79
C TRP B 157 -8.11 -12.31 -19.75
N ASN B 158 -7.83 -11.05 -19.39
CA ASN B 158 -7.17 -10.12 -20.30
C ASN B 158 -5.83 -10.66 -20.79
N PHE B 159 -5.09 -11.28 -19.88
CA PHE B 159 -3.84 -11.95 -20.21
C PHE B 159 -3.75 -13.27 -19.47
N PRO B 160 -4.37 -14.30 -20.04
CA PRO B 160 -4.49 -15.60 -19.35
C PRO B 160 -3.15 -16.11 -18.80
N ILE B 161 -2.02 -15.68 -19.36
CA ILE B 161 -0.72 -16.09 -18.83
C ILE B 161 0.21 -14.97 -18.36
N GLY B 162 0.25 -13.84 -19.06
CA GLY B 162 1.11 -12.74 -18.66
C GLY B 162 0.82 -12.20 -17.26
N ILE B 164 -0.56 -13.61 -14.37
CA ILE B 164 -0.18 -14.39 -13.22
C ILE B 164 1.35 -14.44 -13.14
N ALA B 165 2.00 -14.35 -14.29
CA ALA B 165 3.46 -14.29 -14.31
C ALA B 165 4.00 -13.11 -13.50
N LYS B 166 3.35 -11.94 -13.60
CA LYS B 166 3.80 -10.78 -12.83
C LYS B 166 3.64 -11.00 -11.35
N LYS B 167 2.63 -11.77 -10.96
CA LYS B 167 2.34 -11.93 -9.56
C LYS B 167 3.12 -13.08 -8.99
N LEU B 168 3.05 -14.21 -9.66
CA LEU B 168 3.69 -15.42 -9.16
C LEU B 168 5.20 -15.27 -9.05
N SER B 169 5.81 -14.69 -10.07
CA SER B 169 7.25 -14.44 -10.02
C SER B 169 7.66 -13.68 -8.76
N ALA B 170 6.94 -12.61 -8.43
CA ALA B 170 7.34 -11.80 -7.28
C ALA B 170 6.93 -12.45 -5.95
N ALA B 171 5.88 -13.26 -5.98
CA ALA B 171 5.46 -13.97 -4.78
C ALA B 171 6.47 -15.06 -4.42
N LEU B 172 6.97 -15.76 -5.43
CA LEU B 172 7.94 -16.84 -5.22
C LEU B 172 9.26 -16.24 -4.77
N ALA B 173 9.69 -15.18 -5.45
CA ALA B 173 10.90 -14.51 -5.04
C ALA B 173 10.85 -14.19 -3.55
N ALA B 174 9.69 -13.77 -3.05
CA ALA B 174 9.57 -13.44 -1.63
C ALA B 174 9.38 -14.68 -0.71
N GLY B 175 9.17 -15.85 -1.31
CA GLY B 175 8.94 -17.06 -0.54
C GLY B 175 7.51 -17.21 -0.02
N CYS B 176 6.56 -16.57 -0.72
CA CYS B 176 5.15 -16.67 -0.37
C CYS B 176 4.43 -17.77 -1.15
N PRO B 177 3.80 -18.70 -0.43
CA PRO B 177 2.95 -19.66 -1.13
C PRO B 177 1.79 -18.90 -1.73
N SER B 178 1.16 -19.42 -2.76
CA SER B 178 0.05 -18.70 -3.33
C SER B 178 -1.15 -19.58 -3.65
N VAL B 179 -2.35 -19.02 -3.50
CA VAL B 179 -3.55 -19.65 -3.97
C VAL B 179 -4.01 -18.86 -5.19
N ILE B 180 -4.08 -19.53 -6.34
CA ILE B 180 -4.29 -18.83 -7.60
C ILE B 180 -5.67 -19.08 -8.19
N LYS B 181 -6.34 -17.98 -8.54
CA LYS B 181 -7.67 -18.03 -9.14
C LYS B 181 -7.70 -17.30 -10.49
N PRO B 182 -7.94 -18.04 -11.58
CA PRO B 182 -8.10 -17.48 -12.92
C PRO B 182 -9.54 -17.10 -13.21
N ALA B 183 -9.76 -16.40 -14.30
CA ALA B 183 -11.10 -16.03 -14.75
C ALA B 183 -11.77 -17.27 -15.30
N SER B 184 -13.07 -17.41 -15.09
CA SER B 184 -13.77 -18.60 -15.56
C SER B 184 -13.85 -18.65 -17.08
N GLU B 185 -13.47 -17.55 -17.72
CA GLU B 185 -13.39 -17.46 -19.18
C GLU B 185 -12.12 -18.11 -19.72
N THR B 186 -11.03 -18.05 -18.94
CA THR B 186 -9.77 -18.60 -19.40
C THR B 186 -8.97 -19.34 -18.33
N PRO B 187 -9.53 -20.44 -17.81
CA PRO B 187 -8.89 -21.32 -16.80
C PRO B 187 -7.87 -22.25 -17.41
N LEU B 188 -8.05 -22.60 -18.69
CA LEU B 188 -7.26 -23.66 -19.30
C LEU B 188 -5.79 -23.29 -19.39
N THR B 189 -5.53 -22.02 -19.68
CA THR B 189 -4.15 -21.60 -19.76
C THR B 189 -3.51 -21.76 -18.39
N ILE B 191 -4.42 -24.09 -16.06
CA ILE B 191 -4.25 -25.51 -15.81
C ILE B 191 -2.98 -25.97 -16.52
N ALA B 192 -2.83 -25.56 -17.77
CA ALA B 192 -1.63 -25.89 -18.54
C ALA B 192 -0.35 -25.44 -17.82
N PHE B 193 -0.37 -24.22 -17.31
CA PHE B 193 0.75 -23.60 -16.60
C PHE B 193 1.16 -24.41 -15.36
N PHE B 194 0.16 -24.92 -14.65
CA PHE B 194 0.43 -25.73 -13.46
C PHE B 194 1.03 -27.06 -13.88
N SER B 195 0.46 -27.64 -14.93
CA SER B 195 1.00 -28.87 -15.50
C SER B 195 2.49 -28.75 -15.78
N VAL B 196 2.94 -27.57 -16.22
CA VAL B 196 4.37 -27.36 -16.43
C VAL B 196 5.13 -27.24 -15.11
N ASP B 198 4.15 -28.45 -12.22
CA ASP B 198 4.00 -29.73 -11.58
C ASP B 198 5.23 -30.62 -11.75
N LYS B 199 6.07 -30.31 -12.72
CA LYS B 199 7.20 -31.17 -13.03
C LYS B 199 8.51 -30.50 -12.73
N LEU B 200 8.47 -29.53 -11.82
CA LEU B 200 9.63 -28.72 -11.52
C LEU B 200 10.10 -28.79 -10.06
N ASP B 201 9.53 -29.72 -9.29
CA ASP B 201 9.96 -29.89 -7.89
C ASP B 201 9.76 -28.66 -7.01
N LEU B 202 8.62 -27.99 -7.17
CA LEU B 202 8.27 -26.96 -6.21
C LEU B 202 7.79 -27.67 -4.97
N PRO B 203 8.05 -27.07 -3.79
CA PRO B 203 7.54 -27.60 -2.52
C PRO B 203 6.01 -27.72 -2.52
N ASP B 204 5.49 -28.83 -2.01
CA ASP B 204 4.04 -29.02 -1.92
C ASP B 204 3.38 -27.84 -1.24
N GLY B 205 2.31 -27.34 -1.86
CA GLY B 205 1.61 -26.16 -1.38
C GLY B 205 2.27 -24.82 -1.68
N VAL B 207 2.51 -23.54 -4.83
CA VAL B 207 1.51 -22.99 -5.72
C VAL B 207 0.28 -23.91 -5.69
N ASN B 208 -0.90 -23.27 -5.68
CA ASN B 208 -2.16 -23.99 -5.61
C ASN B 208 -3.14 -23.33 -6.59
N LEU B 209 -4.07 -24.11 -7.14
CA LEU B 209 -5.00 -23.64 -8.14
C LEU B 209 -6.44 -23.93 -7.75
N VAL B 210 -7.23 -22.89 -7.57
CA VAL B 210 -8.67 -23.02 -7.36
C VAL B 210 -9.42 -22.40 -8.56
N GLY B 212 -13.67 -21.71 -10.30
CA GLY B 212 -15.11 -21.77 -10.13
C GLY B 212 -15.76 -20.43 -9.87
N LYS B 213 -16.90 -20.50 -9.21
CA LYS B 213 -17.71 -19.32 -8.95
C LYS B 213 -16.89 -18.28 -8.19
N ALA B 214 -16.93 -17.05 -8.67
CA ALA B 214 -16.11 -15.98 -8.11
C ALA B 214 -16.48 -15.73 -6.66
N SER B 215 -17.78 -15.74 -6.37
CA SER B 215 -18.28 -15.63 -4.99
C SER B 215 -17.65 -16.63 -4.03
N VAL B 216 -17.66 -17.90 -4.41
CA VAL B 216 -17.14 -18.93 -3.52
C VAL B 216 -15.65 -18.76 -3.30
N ILE B 217 -14.89 -18.61 -4.37
CA ILE B 217 -13.45 -18.43 -4.21
C ILE B 217 -13.10 -17.13 -3.47
N GLY B 218 -13.69 -16.00 -3.89
CA GLY B 218 -13.42 -14.70 -3.30
C GLY B 218 -13.71 -14.63 -1.81
N LYS B 219 -14.85 -15.18 -1.41
CA LYS B 219 -15.22 -15.19 0.01
C LYS B 219 -14.14 -15.83 0.89
N VAL B 220 -13.75 -17.05 0.58
CA VAL B 220 -12.75 -17.71 1.40
C VAL B 220 -11.49 -16.85 1.49
N LEU B 221 -10.96 -16.45 0.34
CA LEU B 221 -9.74 -15.64 0.25
C LEU B 221 -9.78 -14.30 1.00
N CYS B 222 -10.95 -13.64 1.01
CA CYS B 222 -11.14 -12.41 1.78
C CYS B 222 -11.16 -12.63 3.32
N GLU B 223 -11.83 -13.69 3.76
CA GLU B 223 -12.09 -13.88 5.18
C GLU B 223 -11.00 -14.66 5.88
N HIS B 224 -10.19 -15.38 5.13
CA HIS B 224 -9.24 -16.26 5.77
C HIS B 224 -8.12 -15.51 6.49
N LYS B 225 -7.92 -15.86 7.75
CA LYS B 225 -6.90 -15.20 8.54
C LYS B 225 -5.47 -15.55 8.14
N ASP B 226 -5.28 -16.68 7.46
CA ASP B 226 -3.94 -17.07 7.02
C ASP B 226 -3.59 -16.50 5.64
N VAL B 227 -4.52 -15.77 5.03
CA VAL B 227 -4.20 -15.06 3.79
C VAL B 227 -4.07 -13.55 4.02
N PRO B 228 -2.88 -13.12 4.48
CA PRO B 228 -2.61 -11.73 4.83
C PRO B 228 -2.63 -10.80 3.64
N LEU B 230 -3.90 -10.10 -0.72
CA LEU B 230 -4.50 -10.38 -2.03
C LEU B 230 -3.85 -9.50 -3.10
N SER B 231 -3.45 -10.11 -4.21
CA SER B 231 -3.05 -9.33 -5.37
C SER B 231 -4.10 -9.54 -6.42
N PHE B 232 -4.80 -8.47 -6.75
CA PHE B 232 -5.93 -8.55 -7.64
C PHE B 232 -5.75 -7.68 -8.87
N THR B 233 -6.13 -8.23 -10.02
CA THR B 233 -6.13 -7.50 -11.27
C THR B 233 -7.43 -7.87 -11.95
N GLY B 234 -8.18 -6.85 -12.36
CA GLY B 234 -9.50 -7.07 -12.89
C GLY B 234 -10.33 -5.81 -12.76
N SER B 235 -11.65 -5.99 -12.72
CA SER B 235 -12.55 -4.85 -12.81
C SER B 235 -12.47 -3.96 -11.58
N THR B 236 -12.58 -2.65 -11.81
CA THR B 236 -12.60 -1.67 -10.73
C THR B 236 -13.76 -1.94 -9.78
N GLU B 237 -14.89 -2.36 -10.34
CA GLU B 237 -16.05 -2.70 -9.54
C GLU B 237 -15.68 -3.81 -8.54
N VAL B 238 -15.18 -4.93 -9.05
CA VAL B 238 -14.85 -6.08 -8.20
C VAL B 238 -13.75 -5.75 -7.19
N GLY B 239 -12.75 -4.99 -7.65
CA GLY B 239 -11.67 -4.54 -6.81
C GLY B 239 -12.12 -3.66 -5.64
N ARG B 240 -12.98 -2.68 -5.92
CA ARG B 240 -13.55 -1.88 -4.83
C ARG B 240 -14.26 -2.75 -3.81
N LYS B 241 -14.90 -3.83 -4.25
CA LYS B 241 -15.61 -4.67 -3.31
C LYS B 241 -14.62 -5.44 -2.42
N LEU B 242 -13.44 -5.68 -2.98
CA LEU B 242 -12.34 -6.31 -2.26
C LEU B 242 -11.82 -5.45 -1.12
N ILE B 243 -11.65 -4.15 -1.38
CA ILE B 243 -11.15 -3.23 -0.38
C ILE B 243 -12.11 -3.24 0.80
N VAL B 244 -13.39 -3.11 0.49
CA VAL B 244 -14.43 -3.16 1.50
C VAL B 244 -14.43 -4.48 2.28
N ASP B 245 -14.37 -5.60 1.56
CA ASP B 245 -14.50 -6.90 2.16
C ASP B 245 -13.24 -7.36 2.90
N THR B 246 -12.15 -6.60 2.81
CA THR B 246 -10.94 -6.98 3.53
C THR B 246 -10.54 -5.94 4.55
N ALA B 247 -11.40 -4.96 4.77
CA ALA B 247 -11.06 -3.82 5.63
C ALA B 247 -10.88 -4.17 7.11
N GLU B 248 -11.69 -5.07 7.65
CA GLU B 248 -11.57 -5.43 9.07
C GLU B 248 -10.22 -6.05 9.41
N GLN B 249 -9.75 -6.97 8.57
CA GLN B 249 -8.47 -7.57 8.85
C GLN B 249 -7.37 -6.62 8.41
N VAL B 250 -7.78 -5.54 7.72
CA VAL B 250 -6.86 -4.58 7.15
C VAL B 250 -5.84 -5.31 6.26
N LYS B 251 -6.31 -6.17 5.38
CA LYS B 251 -5.38 -6.92 4.54
C LYS B 251 -4.51 -6.04 3.65
N LYS B 252 -3.34 -6.56 3.30
CA LYS B 252 -2.45 -5.88 2.36
C LYS B 252 -2.91 -6.14 0.93
N LEU B 253 -3.17 -5.08 0.16
CA LEU B 253 -3.68 -5.24 -1.21
C LEU B 253 -2.75 -4.70 -2.30
N ALA B 254 -2.62 -5.48 -3.37
CA ALA B 254 -2.03 -5.02 -4.61
C ALA B 254 -3.16 -5.03 -5.60
N LEU B 255 -3.43 -3.89 -6.23
CA LEU B 255 -4.58 -3.77 -7.12
C LEU B 255 -4.18 -3.13 -8.43
N GLU B 256 -4.57 -3.78 -9.51
CA GLU B 256 -4.46 -3.18 -10.82
C GLU B 256 -5.82 -3.30 -11.47
N LEU B 257 -6.47 -2.18 -11.67
CA LEU B 257 -7.87 -2.15 -12.06
C LEU B 257 -8.04 -1.47 -13.42
N GLY B 258 -9.16 -0.78 -13.61
CA GLY B 258 -9.48 -0.22 -14.91
C GLY B 258 -8.62 0.95 -15.35
N GLY B 259 -8.63 1.24 -16.63
CA GLY B 259 -7.89 2.39 -17.16
C GLY B 259 -8.68 3.25 -18.13
N ASN B 260 -8.15 4.41 -18.47
CA ASN B 260 -8.72 5.19 -19.57
C ASN B 260 -7.61 5.89 -20.33
N ALA B 261 -6.74 5.10 -20.96
CA ALA B 261 -5.48 5.62 -21.49
C ALA B 261 -5.72 6.65 -22.57
N PRO B 262 -5.26 7.89 -22.34
CA PRO B 262 -5.21 8.91 -23.38
C PRO B 262 -3.95 8.72 -24.20
N PHE B 263 -4.07 8.63 -25.52
CA PHE B 263 -2.93 8.57 -26.44
C PHE B 263 -2.88 9.92 -27.15
N ILE B 264 -1.85 10.70 -26.87
CA ILE B 264 -1.78 12.10 -27.32
C ILE B 264 -0.79 12.33 -28.43
N VAL B 265 -1.25 12.89 -29.54
CA VAL B 265 -0.39 13.17 -30.69
C VAL B 265 -0.30 14.66 -30.98
N PHE B 266 0.88 15.24 -30.86
CA PHE B 266 1.05 16.67 -31.14
C PHE B 266 1.23 16.97 -32.63
N ASP B 267 1.03 18.23 -33.01
CA ASP B 267 1.18 18.62 -34.41
C ASP B 267 2.62 18.57 -34.88
N ASP B 268 3.56 18.40 -33.95
CA ASP B 268 4.94 18.18 -34.35
C ASP B 268 5.37 16.72 -34.16
N ALA B 269 4.40 15.83 -34.00
CA ALA B 269 4.69 14.42 -33.85
C ALA B 269 5.27 13.83 -35.15
N ASP B 270 6.08 12.77 -35.02
CA ASP B 270 6.41 11.97 -36.17
C ASP B 270 5.18 11.12 -36.45
N LEU B 271 4.37 11.58 -37.38
CA LEU B 271 3.08 10.99 -37.67
C LEU B 271 3.14 9.51 -38.05
N GLU B 272 4.19 9.13 -38.80
CA GLU B 272 4.32 7.73 -39.24
C GLU B 272 4.63 6.82 -38.06
N ALA B 273 5.55 7.25 -37.21
CA ALA B 273 5.85 6.50 -36.00
C ALA B 273 4.60 6.39 -35.13
N ALA B 274 3.87 7.50 -35.01
CA ALA B 274 2.69 7.55 -34.15
C ALA B 274 1.60 6.62 -34.66
N ALA B 275 1.32 6.66 -35.95
CA ALA B 275 0.34 5.76 -36.51
C ALA B 275 0.81 4.33 -36.26
N ASP B 276 2.09 4.07 -36.50
CA ASP B 276 2.61 2.73 -36.35
C ASP B 276 2.53 2.26 -34.92
N ASN B 277 2.88 3.15 -34.00
CA ASN B 277 2.78 2.82 -32.60
C ASN B 277 1.34 2.66 -32.13
N LEU B 278 0.44 3.42 -32.74
CA LEU B 278 -0.95 3.40 -32.31
C LEU B 278 -1.55 2.03 -32.62
N ILE B 279 -1.35 1.57 -33.84
CA ILE B 279 -1.91 0.32 -34.29
C ILE B 279 -1.37 -0.84 -33.47
N ALA B 280 -0.09 -0.80 -33.17
CA ALA B 280 0.54 -1.87 -32.43
C ALA B 280 -0.06 -1.89 -31.04
N ASN B 281 -0.22 -0.69 -30.49
CA ASN B 281 -0.73 -0.55 -29.15
C ASN B 281 -2.17 -1.02 -29.03
N LYS B 282 -2.97 -0.60 -30.00
CA LYS B 282 -4.41 -0.57 -29.85
C LYS B 282 -5.06 -1.93 -30.06
N PHE B 283 -4.58 -2.68 -31.04
CA PHE B 283 -5.27 -3.90 -31.42
C PHE B 283 -4.64 -5.15 -30.82
N ARG B 284 -3.64 -4.97 -29.96
CA ARG B 284 -3.16 -6.05 -29.14
C ARG B 284 -4.33 -6.56 -28.30
N GLY B 285 -4.64 -7.84 -28.44
CA GLY B 285 -5.76 -8.45 -27.74
C GLY B 285 -7.12 -7.94 -28.20
N GLY B 286 -7.20 -7.50 -29.46
CA GLY B 286 -8.42 -6.93 -29.99
C GLY B 286 -8.87 -5.68 -29.25
N GLY B 287 -7.92 -4.98 -28.65
CA GLY B 287 -8.20 -3.81 -27.85
C GLY B 287 -8.63 -4.10 -26.42
N GLN B 288 -8.67 -5.37 -26.03
CA GLN B 288 -9.22 -5.76 -24.71
C GLN B 288 -8.17 -5.76 -23.59
N THR B 289 -7.57 -4.61 -23.35
CA THR B 289 -6.42 -4.44 -22.47
C THR B 289 -6.63 -3.15 -21.66
N CYS B 290 -5.95 -2.99 -20.53
CA CYS B 290 -6.07 -1.74 -19.77
C CYS B 290 -4.95 -0.80 -20.12
N VAL B 291 -4.06 -1.29 -20.96
CA VAL B 291 -2.92 -0.56 -21.47
C VAL B 291 -3.20 0.00 -22.89
N CYS B 292 -4.20 -0.58 -23.56
CA CYS B 292 -4.64 -0.13 -24.88
C CYS B 292 -5.11 1.29 -24.87
N ALA B 293 -4.74 2.05 -25.91
CA ALA B 293 -5.22 3.43 -26.03
C ALA B 293 -6.75 3.44 -26.10
N ASN B 294 -7.37 4.36 -25.36
CA ASN B 294 -8.82 4.43 -25.32
C ASN B 294 -9.32 5.77 -25.86
N ARG B 295 -8.64 6.84 -25.51
CA ARG B 295 -8.94 8.16 -26.03
C ARG B 295 -7.75 8.66 -26.84
N ILE B 296 -7.90 8.78 -28.17
CA ILE B 296 -6.84 9.35 -28.98
C ILE B 296 -6.98 10.87 -29.16
N PHE B 297 -6.11 11.62 -28.51
CA PHE B 297 -6.10 13.07 -28.69
C PHE B 297 -5.16 13.47 -29.82
N VAL B 298 -5.73 14.07 -30.87
CA VAL B 298 -4.93 14.55 -31.97
C VAL B 298 -5.06 16.05 -32.12
N HIS B 299 -3.93 16.71 -32.26
CA HIS B 299 -3.91 18.13 -32.53
C HIS B 299 -4.66 18.52 -33.83
N GLU B 300 -5.53 19.52 -33.73
CA GLU B 300 -6.30 19.98 -34.89
C GLU B 300 -5.47 20.12 -36.16
N LYS B 301 -4.25 20.63 -36.06
CA LYS B 301 -3.46 20.87 -37.27
C LYS B 301 -3.12 19.62 -38.07
N VAL B 302 -3.12 18.44 -37.41
CA VAL B 302 -2.75 17.21 -38.12
C VAL B 302 -3.81 16.14 -38.00
N ALA B 303 -4.95 16.49 -37.42
CA ALA B 303 -5.98 15.48 -37.19
C ALA B 303 -6.35 14.74 -38.46
N ASP B 304 -6.70 15.48 -39.51
CA ASP B 304 -7.16 14.85 -40.76
C ASP B 304 -6.14 13.90 -41.38
N ALA B 305 -4.88 14.34 -41.46
CA ALA B 305 -3.83 13.52 -42.04
C ALA B 305 -3.55 12.29 -41.18
N PHE B 306 -3.59 12.47 -39.87
CA PHE B 306 -3.40 11.35 -38.98
C PHE B 306 -4.50 10.30 -39.18
N GLY B 307 -5.75 10.74 -39.19
CA GLY B 307 -6.85 9.79 -39.33
C GLY B 307 -6.73 8.99 -40.61
N GLN B 308 -6.28 9.64 -41.65
CA GLN B 308 -6.15 8.99 -42.93
C GLN B 308 -5.04 7.93 -42.85
N LYS B 309 -3.96 8.27 -42.14
CA LYS B 309 -2.87 7.34 -41.89
C LYS B 309 -3.31 6.10 -41.13
N LEU B 310 -4.20 6.26 -40.15
CA LEU B 310 -4.72 5.09 -39.45
C LEU B 310 -5.63 4.25 -40.34
N ALA B 311 -6.42 4.92 -41.19
CA ALA B 311 -7.36 4.23 -42.06
C ALA B 311 -6.63 3.37 -43.09
N GLU B 312 -5.58 3.93 -43.69
CA GLU B 312 -4.73 3.14 -44.58
C GLU B 312 -4.19 1.90 -43.89
N ARG B 313 -3.78 2.04 -42.63
CA ARG B 313 -3.28 0.91 -41.84
C ARG B 313 -4.39 -0.06 -41.41
N VAL B 314 -5.49 0.51 -40.91
CA VAL B 314 -6.56 -0.31 -40.35
C VAL B 314 -7.26 -1.12 -41.44
N ASN B 315 -7.40 -0.56 -42.64
CA ASN B 315 -8.06 -1.27 -43.74
C ASN B 315 -7.33 -2.50 -44.28
N LYS B 316 -6.04 -2.64 -43.97
CA LYS B 316 -5.26 -3.79 -44.40
C LYS B 316 -5.29 -4.91 -43.38
N THR B 318 -6.97 -7.92 -40.84
CA THR B 318 -7.94 -8.99 -40.96
C THR B 318 -8.49 -9.46 -39.62
N VAL B 319 -9.78 -9.80 -39.62
CA VAL B 319 -10.44 -10.30 -38.43
C VAL B 319 -10.94 -11.69 -38.71
N GLY B 320 -10.88 -12.55 -37.71
CA GLY B 320 -11.36 -13.91 -37.85
C GLY B 320 -10.83 -14.82 -36.76
N ASP B 321 -10.94 -16.13 -37.01
CA ASP B 321 -10.46 -17.14 -36.10
C ASP B 321 -8.94 -17.06 -35.96
N GLY B 322 -8.46 -16.91 -34.73
CA GLY B 322 -7.06 -16.68 -34.46
C GLY B 322 -6.11 -17.86 -34.69
N ASN B 324 -6.21 -19.79 -37.42
CA ASN B 324 -5.85 -19.68 -38.82
C ASN B 324 -4.70 -18.71 -38.95
N ASP B 325 -4.01 -18.76 -40.08
CA ASP B 325 -2.87 -17.89 -40.25
C ASP B 325 -3.24 -16.63 -41.00
N GLY B 326 -2.58 -15.52 -40.64
CA GLY B 326 -2.80 -14.24 -41.29
C GLY B 326 -3.95 -13.45 -40.67
N ILE B 327 -4.33 -13.83 -39.46
CA ILE B 327 -5.36 -13.11 -38.74
C ILE B 327 -4.72 -12.13 -37.77
N ASP B 328 -5.00 -10.84 -37.93
CA ASP B 328 -4.45 -9.82 -37.04
C ASP B 328 -5.18 -9.75 -35.71
N ILE B 329 -6.50 -9.75 -35.74
CA ILE B 329 -7.24 -9.71 -34.49
C ILE B 329 -8.30 -10.80 -34.45
N GLY B 330 -8.52 -11.36 -33.27
CA GLY B 330 -9.50 -12.41 -33.07
C GLY B 330 -10.85 -11.85 -32.68
N PRO B 331 -11.72 -12.71 -32.12
CA PRO B 331 -13.04 -12.28 -31.67
C PRO B 331 -12.95 -11.64 -30.29
N LEU B 332 -13.92 -10.83 -29.91
CA LEU B 332 -13.97 -10.35 -28.54
C LEU B 332 -14.37 -11.50 -27.61
N ILE B 333 -14.08 -11.36 -26.30
CA ILE B 333 -14.19 -12.48 -25.36
C ILE B 333 -15.63 -13.00 -25.22
N ASN B 334 -16.60 -12.12 -25.31
CA ASN B 334 -17.98 -12.55 -25.10
C ASN B 334 -19.00 -11.56 -25.63
N LYS B 335 -20.27 -11.87 -25.45
CA LYS B 335 -21.35 -11.10 -26.07
C LYS B 335 -21.44 -9.74 -25.40
N GLN B 336 -21.30 -9.76 -24.09
CA GLN B 336 -21.40 -8.56 -23.28
C GLN B 336 -20.29 -7.58 -23.67
N GLY B 337 -19.11 -8.11 -24.01
CA GLY B 337 -18.01 -7.28 -24.44
C GLY B 337 -18.20 -6.73 -25.84
N PHE B 338 -18.68 -7.58 -26.74
CA PHE B 338 -19.03 -7.16 -28.08
C PHE B 338 -20.11 -6.03 -28.05
N ASP B 339 -21.13 -6.23 -27.23
CA ASP B 339 -22.23 -5.30 -27.21
C ASP B 339 -21.75 -3.92 -26.73
N LYS B 340 -20.88 -3.90 -25.73
CA LYS B 340 -20.40 -2.62 -25.24
C LYS B 340 -19.60 -1.89 -26.31
N VAL B 341 -18.81 -2.66 -27.06
CA VAL B 341 -18.08 -2.00 -28.14
C VAL B 341 -19.04 -1.49 -29.22
N LYS B 342 -20.09 -2.24 -29.53
CA LYS B 342 -21.02 -1.79 -30.52
C LYS B 342 -21.72 -0.55 -30.00
N ARG B 343 -22.09 -0.58 -28.73
CA ARG B 343 -22.79 0.53 -28.13
C ARG B 343 -21.97 1.81 -28.20
N HIS B 344 -20.67 1.72 -27.90
CA HIS B 344 -19.82 2.89 -27.98
C HIS B 344 -19.75 3.44 -29.39
N LEU B 345 -19.67 2.53 -30.36
CA LEU B 345 -19.69 2.93 -31.76
C LEU B 345 -20.95 3.71 -32.12
N GLN B 346 -22.12 3.12 -31.86
CA GLN B 346 -23.39 3.79 -32.05
C GLN B 346 -23.43 5.16 -31.37
N ASP B 347 -23.00 5.22 -30.11
CA ASP B 347 -23.15 6.44 -29.34
C ASP B 347 -22.38 7.59 -29.99
N ALA B 348 -21.19 7.27 -30.50
CA ALA B 348 -20.33 8.27 -31.13
C ALA B 348 -20.93 8.81 -32.40
N LEU B 349 -21.39 7.89 -33.26
CA LEU B 349 -21.99 8.25 -34.52
C LEU B 349 -23.29 9.04 -34.30
N ASP B 350 -24.16 8.53 -33.44
CA ASP B 350 -25.42 9.18 -33.14
C ASP B 350 -25.15 10.59 -32.68
N LYS B 351 -24.10 10.77 -31.89
CA LYS B 351 -23.69 12.08 -31.43
C LYS B 351 -22.86 12.83 -32.48
N GLY B 352 -22.67 12.23 -33.65
CA GLY B 352 -22.13 12.96 -34.77
C GLY B 352 -20.64 12.85 -35.04
N ALA B 353 -19.98 11.86 -34.46
CA ALA B 353 -18.61 11.57 -34.87
C ALA B 353 -18.68 11.06 -36.30
N SER B 354 -17.58 11.20 -37.05
CA SER B 354 -17.56 10.64 -38.39
C SER B 354 -16.83 9.29 -38.40
N LEU B 355 -17.24 8.41 -39.32
CA LEU B 355 -16.67 7.08 -39.50
C LEU B 355 -15.49 7.10 -40.49
N VAL B 356 -14.26 7.02 -39.97
CA VAL B 356 -13.05 7.07 -40.81
C VAL B 356 -12.68 5.71 -41.41
N ALA B 357 -12.93 4.64 -40.67
CA ALA B 357 -12.64 3.30 -41.14
C ALA B 357 -13.48 2.35 -40.31
N GLY B 358 -13.96 1.26 -40.91
CA GLY B 358 -14.79 0.29 -40.22
C GLY B 358 -16.20 0.26 -40.78
N LYS B 359 -17.06 -0.60 -40.21
CA LYS B 359 -18.45 -0.70 -40.66
C LYS B 359 -19.47 0.03 -39.74
N GLN B 360 -20.70 0.25 -40.22
CA GLN B 360 -21.75 0.81 -39.38
C GLN B 360 -22.25 -0.27 -38.42
N PRO B 361 -22.58 0.09 -37.16
CA PRO B 361 -23.00 -0.94 -36.20
C PRO B 361 -24.07 -1.87 -36.76
N ALA B 362 -25.06 -1.34 -37.47
CA ALA B 362 -26.06 -2.22 -38.09
C ALA B 362 -25.44 -3.34 -38.94
N GLU B 363 -24.33 -3.05 -39.61
CA GLU B 363 -23.72 -4.00 -40.51
C GLU B 363 -22.83 -5.03 -39.82
N LEU B 364 -22.63 -4.91 -38.52
CA LEU B 364 -21.74 -5.85 -37.83
C LEU B 364 -22.31 -7.26 -37.73
N PHE B 369 -16.81 -11.22 -33.70
CA PHE B 369 -15.88 -10.49 -34.52
C PHE B 369 -16.29 -9.03 -34.77
N PHE B 370 -15.46 -8.11 -34.34
CA PHE B 370 -15.63 -6.70 -34.52
C PHE B 370 -14.44 -6.23 -35.27
N PRO B 371 -14.65 -5.61 -36.41
CA PRO B 371 -13.55 -5.11 -37.24
C PRO B 371 -12.85 -3.88 -36.64
N PRO B 372 -11.60 -3.66 -37.01
CA PRO B 372 -10.92 -2.46 -36.54
C PRO B 372 -11.69 -1.24 -37.03
N THR B 373 -12.01 -0.34 -36.12
CA THR B 373 -12.84 0.81 -36.46
C THR B 373 -12.22 2.10 -35.93
N VAL B 374 -12.24 3.13 -36.75
CA VAL B 374 -11.75 4.46 -36.38
C VAL B 374 -12.87 5.51 -36.52
N VAL B 375 -13.15 6.25 -35.45
CA VAL B 375 -14.08 7.38 -35.53
C VAL B 375 -13.40 8.67 -35.15
N GLN B 376 -13.89 9.77 -35.70
CA GLN B 376 -13.29 11.09 -35.53
C GLN B 376 -14.36 12.09 -35.10
N GLY B 377 -13.97 13.02 -34.22
CA GLY B 377 -14.86 14.03 -33.70
C GLY B 377 -15.45 13.66 -32.35
N VAL B 378 -14.67 12.98 -31.52
CA VAL B 378 -15.12 12.55 -30.21
C VAL B 378 -14.95 13.66 -29.19
N ASP B 379 -15.89 13.80 -28.26
CA ASP B 379 -15.72 14.75 -27.15
C ASP B 379 -16.16 14.15 -25.83
N ARG B 380 -15.97 14.89 -24.74
CA ARG B 380 -16.29 14.39 -23.42
C ARG B 380 -17.72 13.89 -23.26
N GLU B 381 -18.58 14.14 -24.24
CA GLU B 381 -19.98 13.76 -24.17
C GLU B 381 -20.23 12.34 -24.64
N CYS B 383 -19.78 8.19 -24.81
CA CYS B 383 -19.56 7.08 -23.91
C CYS B 383 -18.15 6.61 -23.98
N CYS B 384 -17.57 6.63 -25.17
CA CYS B 384 -16.26 6.03 -25.37
C CYS B 384 -15.16 6.91 -24.77
N TYR B 385 -15.51 8.15 -24.50
CA TYR B 385 -14.64 9.07 -23.82
C TYR B 385 -14.74 8.87 -22.31
N GLN B 386 -15.94 8.54 -21.85
CA GLN B 386 -16.21 8.47 -20.43
C GLN B 386 -15.84 7.12 -19.81
N GLU B 387 -15.88 6.06 -20.62
CA GLU B 387 -15.65 4.70 -20.15
C GLU B 387 -14.68 3.96 -21.10
N GLU B 388 -14.10 2.85 -20.64
CA GLU B 388 -13.17 2.16 -21.52
C GLU B 388 -13.88 1.16 -22.45
N THR B 389 -13.50 1.19 -23.72
CA THR B 389 -14.22 0.48 -24.76
C THR B 389 -13.97 -1.01 -24.69
N PHE B 390 -12.72 -1.37 -24.40
CA PHE B 390 -12.26 -2.77 -24.44
C PHE B 390 -12.56 -3.43 -25.78
N GLY B 391 -12.27 -2.75 -26.87
CA GLY B 391 -12.54 -3.25 -28.21
C GLY B 391 -11.72 -2.51 -29.27
N PRO B 392 -11.71 -3.05 -30.50
CA PRO B 392 -10.92 -2.50 -31.60
C PRO B 392 -11.50 -1.19 -32.16
N LEU B 393 -11.77 -0.24 -31.26
CA LEU B 393 -12.32 1.04 -31.63
C LEU B 393 -11.29 2.14 -31.42
N VAL B 394 -11.11 3.03 -32.40
CA VAL B 394 -10.20 4.16 -32.19
C VAL B 394 -10.95 5.51 -32.22
N PRO B 395 -11.28 6.06 -31.04
CA PRO B 395 -11.98 7.34 -30.96
C PRO B 395 -11.02 8.52 -30.93
N ALA B 397 -10.20 12.46 -30.57
CA ALA B 397 -10.62 13.75 -30.05
C ALA B 397 -9.62 14.83 -30.42
N LEU B 398 -10.07 16.08 -30.55
CA LEU B 398 -9.20 17.16 -30.98
C LEU B 398 -8.63 17.95 -29.79
N PHE B 399 -7.50 18.62 -30.00
CA PHE B 399 -6.98 19.57 -29.01
C PHE B 399 -6.02 20.50 -29.70
N ARG B 400 -5.72 21.62 -29.05
CA ARG B 400 -4.81 22.62 -29.61
C ARG B 400 -3.67 22.91 -28.66
N THR B 401 -3.98 23.15 -27.39
CA THR B 401 -2.95 23.55 -26.44
C THR B 401 -2.42 22.40 -25.58
N GLU B 402 -1.24 22.64 -25.01
CA GLU B 402 -0.58 21.67 -24.16
C GLU B 402 -1.36 21.50 -22.86
N GLU B 403 -1.82 22.62 -22.29
CA GLU B 403 -2.45 22.62 -20.99
C GLU B 403 -3.82 21.98 -21.07
N GLU B 404 -4.54 22.30 -22.13
CA GLU B 404 -5.83 21.70 -22.41
C GLU B 404 -5.77 20.17 -22.50
N VAL B 405 -4.80 19.65 -23.25
CA VAL B 405 -4.77 18.23 -23.52
C VAL B 405 -4.30 17.41 -22.31
N ILE B 406 -3.58 18.07 -21.40
CA ILE B 406 -3.15 17.43 -20.18
C ILE B 406 -4.35 17.33 -19.24
N ASP B 407 -5.11 18.41 -19.12
CA ASP B 407 -6.35 18.37 -18.36
C ASP B 407 -7.32 17.33 -18.92
N ALA B 408 -7.45 17.26 -20.24
CA ALA B 408 -8.35 16.32 -20.86
C ALA B 408 -7.81 14.93 -20.61
N GLY B 409 -6.50 14.78 -20.78
CA GLY B 409 -5.82 13.55 -20.43
C GLY B 409 -6.27 13.08 -19.06
N ASN B 410 -6.21 13.98 -18.07
CA ASN B 410 -6.44 13.61 -16.67
C ASN B 410 -7.90 13.63 -16.29
N ASP B 411 -8.76 13.81 -17.28
CA ASP B 411 -10.17 14.00 -17.03
C ASP B 411 -10.83 12.66 -16.90
N THR B 412 -10.57 11.99 -15.79
CA THR B 412 -11.02 10.60 -15.63
C THR B 412 -10.75 10.15 -14.19
N GLU B 413 -11.35 9.03 -13.79
CA GLU B 413 -11.16 8.47 -12.45
C GLU B 413 -9.81 7.81 -12.36
N PHE B 414 -9.28 7.46 -13.53
CA PHE B 414 -8.18 6.50 -13.64
C PHE B 414 -6.85 7.12 -13.95
N GLY B 415 -5.84 6.27 -14.04
CA GLY B 415 -4.48 6.73 -14.12
C GLY B 415 -3.55 5.56 -14.23
N LEU B 416 -3.89 4.65 -15.13
CA LEU B 416 -3.03 3.50 -15.40
C LEU B 416 -2.04 3.85 -16.50
N ALA B 417 -2.43 3.65 -17.76
CA ALA B 417 -1.51 3.90 -18.88
C ALA B 417 -1.84 5.16 -19.70
N SER B 418 -0.81 5.75 -20.31
CA SER B 418 -0.96 6.89 -21.19
C SER B 418 0.25 7.01 -22.15
N TYR B 419 0.10 7.80 -23.20
CA TYR B 419 1.12 7.91 -24.25
C TYR B 419 1.16 9.31 -24.84
N VAL B 420 2.37 9.84 -25.03
CA VAL B 420 2.48 11.16 -25.63
C VAL B 420 3.47 11.17 -26.80
N PHE B 421 3.06 11.74 -27.93
CA PHE B 421 3.91 11.84 -29.12
C PHE B 421 4.18 13.28 -29.52
N THR B 422 5.44 13.69 -29.46
CA THR B 422 5.82 15.06 -29.81
C THR B 422 7.30 15.12 -30.04
N ALA B 423 7.75 16.05 -30.88
CA ALA B 423 9.18 16.12 -31.16
C ALA B 423 9.86 17.10 -30.22
N ASP B 424 9.05 17.88 -29.50
CA ASP B 424 9.56 18.80 -28.49
C ASP B 424 9.84 18.04 -27.17
N ALA B 425 11.10 17.69 -26.94
CA ALA B 425 11.47 16.86 -25.81
C ALA B 425 11.07 17.52 -24.49
N GLU B 426 11.21 18.83 -24.42
CA GLU B 426 10.81 19.55 -23.22
C GLU B 426 9.29 19.52 -22.96
N ARG B 427 8.51 19.55 -24.04
CA ARG B 427 7.06 19.45 -23.92
C ARG B 427 6.68 18.03 -23.54
N ALA B 428 7.30 17.05 -24.17
CA ALA B 428 7.01 15.65 -23.83
C ALA B 428 7.20 15.40 -22.35
N GLN B 429 8.28 15.94 -21.80
CA GLN B 429 8.63 15.72 -20.41
C GLN B 429 7.62 16.36 -19.46
N ARG B 430 7.16 17.56 -19.80
CA ARG B 430 6.14 18.24 -19.00
C ARG B 430 4.83 17.46 -19.00
N VAL B 431 4.43 16.98 -20.17
CA VAL B 431 3.22 16.17 -20.31
C VAL B 431 3.27 14.90 -19.46
N ALA B 432 4.42 14.23 -19.44
CA ALA B 432 4.61 13.10 -18.55
C ALA B 432 4.46 13.46 -17.07
N ALA B 433 5.07 14.56 -16.63
CA ALA B 433 4.91 15.00 -15.23
C ALA B 433 3.48 15.39 -14.90
N GLY B 434 2.77 15.94 -15.89
CA GLY B 434 1.43 16.43 -15.67
C GLY B 434 0.37 15.36 -15.72
N LEU B 435 0.65 14.27 -16.42
CA LEU B 435 -0.30 13.17 -16.53
C LEU B 435 -0.26 12.34 -15.24
N ARG B 436 -1.42 12.18 -14.62
CA ARG B 436 -1.53 11.41 -13.39
C ARG B 436 -1.73 9.94 -13.75
N PHE B 437 -0.73 9.37 -14.42
CA PHE B 437 -0.73 7.97 -14.84
C PHE B 437 0.57 7.32 -14.45
N GLY B 438 0.51 6.03 -14.13
CA GLY B 438 1.68 5.30 -13.68
C GLY B 438 2.61 4.96 -14.82
N HIS B 439 2.07 4.98 -16.03
CA HIS B 439 2.82 4.61 -17.20
C HIS B 439 2.54 5.62 -18.31
N VAL B 440 3.62 6.23 -18.82
CA VAL B 440 3.54 7.21 -19.90
C VAL B 440 4.50 6.84 -21.02
N GLY B 441 3.96 6.53 -22.20
CA GLY B 441 4.80 6.32 -23.37
C GLY B 441 5.25 7.63 -23.99
N TRP B 442 6.56 7.76 -24.17
CA TRP B 442 7.13 8.93 -24.77
C TRP B 442 7.61 8.62 -26.19
N ASN B 443 6.81 9.03 -27.16
CA ASN B 443 7.04 8.66 -28.55
C ASN B 443 7.07 7.16 -28.72
N THR B 444 6.38 6.44 -27.85
CA THR B 444 6.14 5.02 -28.03
C THR B 444 4.79 4.63 -27.44
N GLY B 445 4.22 3.54 -27.96
CA GLY B 445 2.97 3.03 -27.45
C GLY B 445 3.17 1.72 -26.72
N THR B 446 4.44 1.39 -26.45
CA THR B 446 4.77 0.11 -25.82
C THR B 446 4.24 0.05 -24.39
N GLY B 447 3.81 -1.14 -23.97
CA GLY B 447 3.26 -1.35 -22.64
C GLY B 447 4.33 -1.61 -21.60
N PRO B 448 3.93 -2.08 -20.42
CA PRO B 448 4.83 -2.41 -19.30
C PRO B 448 5.84 -3.52 -19.63
N THR B 449 6.99 -3.44 -18.99
CA THR B 449 8.03 -4.42 -19.19
C THR B 449 8.39 -4.94 -17.81
N PRO B 450 9.01 -6.13 -17.72
CA PRO B 450 9.30 -6.71 -16.39
C PRO B 450 10.38 -5.94 -15.64
N GLU B 451 11.15 -5.14 -16.38
CA GLU B 451 12.28 -4.43 -15.81
C GLU B 451 11.90 -3.16 -15.05
N ALA B 452 10.63 -2.76 -15.12
CA ALA B 452 10.18 -1.47 -14.55
C ALA B 452 8.78 -1.52 -13.89
N PRO B 453 8.51 -0.62 -12.96
CA PRO B 453 7.22 -0.66 -12.26
C PRO B 453 6.02 -0.31 -13.15
N PHE B 454 4.94 -1.06 -12.99
CA PHE B 454 3.68 -0.72 -13.64
C PHE B 454 2.54 -0.78 -12.62
N GLY B 455 1.74 0.27 -12.58
CA GLY B 455 0.67 0.37 -11.62
C GLY B 455 -0.05 1.68 -11.85
N GLY B 456 -1.20 1.85 -11.24
CA GLY B 456 -2.00 3.01 -11.51
C GLY B 456 -1.95 4.06 -10.41
N LYS B 458 -4.55 7.21 -8.85
CA LYS B 458 -5.99 7.39 -8.72
C LYS B 458 -6.72 6.04 -8.61
N ALA B 459 -7.86 5.88 -9.26
CA ALA B 459 -8.68 4.69 -9.04
C ALA B 459 -8.17 3.48 -9.83
N SER B 460 -7.05 3.66 -10.53
CA SER B 460 -6.55 2.56 -11.34
C SER B 460 -5.84 1.48 -10.52
N GLY B 461 -5.64 1.72 -9.22
CA GLY B 461 -5.03 0.69 -8.38
C GLY B 461 -4.15 1.09 -7.22
N ILE B 462 -3.54 0.07 -6.63
CA ILE B 462 -2.64 0.21 -5.52
C ILE B 462 -1.40 -0.66 -5.83
N GLY B 463 -0.21 -0.13 -5.60
CA GLY B 463 1.00 -0.92 -5.81
C GLY B 463 1.58 -0.93 -7.23
N ARG B 464 2.75 -1.54 -7.34
CA ARG B 464 3.44 -1.62 -8.62
C ARG B 464 3.91 -3.05 -8.84
N GLU B 465 3.68 -3.54 -10.05
CA GLU B 465 4.25 -4.79 -10.49
C GLU B 465 5.35 -4.53 -11.51
N GLY B 466 6.40 -5.35 -11.44
CA GLY B 466 7.53 -5.27 -12.35
C GLY B 466 8.58 -4.37 -11.77
N GLY B 467 9.83 -4.58 -12.12
CA GLY B 467 10.92 -3.73 -11.66
C GLY B 467 11.34 -3.94 -10.21
N LEU B 468 12.21 -3.05 -9.70
CA LEU B 468 12.57 -3.06 -8.29
C LEU B 468 11.35 -3.16 -7.40
N GLU B 469 10.50 -2.13 -7.45
CA GLU B 469 9.36 -2.06 -6.53
C GLU B 469 8.44 -3.28 -6.61
N GLY B 470 8.25 -3.85 -7.80
CA GLY B 470 7.46 -5.04 -7.92
C GLY B 470 7.96 -6.16 -7.02
N LEU B 471 9.28 -6.27 -6.89
CA LEU B 471 9.92 -7.32 -6.08
C LEU B 471 9.54 -7.25 -4.62
N PHE B 472 9.11 -6.07 -4.18
CA PHE B 472 8.79 -5.86 -2.79
C PHE B 472 7.31 -6.03 -2.47
N GLU B 473 6.51 -6.41 -3.46
CA GLU B 473 5.08 -6.52 -3.24
C GLU B 473 4.76 -7.47 -2.08
N PHE B 474 5.34 -8.67 -2.12
CA PHE B 474 4.96 -9.72 -1.20
C PHE B 474 5.89 -9.88 -0.01
N VAL B 475 6.53 -8.78 0.40
CA VAL B 475 7.29 -8.77 1.63
C VAL B 475 6.75 -7.75 2.66
N GLU B 476 7.05 -8.01 3.93
CA GLU B 476 6.82 -7.07 5.02
C GLU B 476 8.18 -6.63 5.54
N ALA B 477 8.46 -5.33 5.55
CA ALA B 477 9.70 -4.90 6.16
C ALA B 477 9.59 -5.17 7.65
N GLN B 478 10.64 -5.73 8.22
CA GLN B 478 10.74 -5.92 9.65
C GLN B 478 12.06 -5.31 10.10
N THR B 479 12.00 -4.36 11.03
CA THR B 479 13.20 -3.74 11.56
C THR B 479 13.61 -4.38 12.88
N VAL B 480 14.90 -4.65 13.02
CA VAL B 480 15.41 -5.30 14.23
C VAL B 480 16.64 -4.62 14.85
N PRO B 481 16.43 -3.77 15.86
CA PRO B 481 17.57 -3.22 16.61
C PRO B 481 18.17 -4.28 17.54
N ARG B 482 19.49 -4.32 17.68
CA ARG B 482 20.11 -5.26 18.61
C ARG B 482 20.56 -4.61 19.91
#